data_1PH8
#
_entry.id   1PH8
#
_cell.length_a   93.472
_cell.length_b   93.472
_cell.length_c   423.554
_cell.angle_alpha   90.00
_cell.angle_beta   90.00
_cell.angle_gamma   120.00
#
_symmetry.space_group_name_H-M   'P 61 2 2'
#
loop_
_entity.id
_entity.type
_entity.pdbx_description
1 polymer "5'-D(*GP*GP*GP*GP*TP*TP*TP*TP*GP*GP*GP*GP*T)-3'"
2 polymer "5'-D(*GP*GP*GP*GP*TP*TP*TP*TP*GP*CP*GP*G)-3'"
3 polymer 'Telomere-binding protein alpha subunit'
4 polymer 'Telomere-binding protein beta subunit'
5 non-polymer 'SODIUM ION'
6 non-polymer 'CHLORIDE ION'
7 water water
#
loop_
_entity_poly.entity_id
_entity_poly.type
_entity_poly.pdbx_seq_one_letter_code
_entity_poly.pdbx_strand_id
1 'polydeoxyribonucleotide' (DG)(DG)(DG)(DG)(DT)(DT)(DT)(DT)(DG)(DG)(DG)(DG)(DT) G,H
2 'polydeoxyribonucleotide' (DG)(DG)(DG)(DG)(DT)(DT)(DT)(DT)(DG)(DC)(DG)(DG) D
3 'polypeptide(L)'
;YEYVELAKASLTSAQPQHFYAVVIDATFPYKTNQERYICSLKIVDPTLYLKQQKGAGDASDYATLVLYAKRFEDLPIIHR
AGDIIRVHRATLRLYNGQRQFNANVFYSSSWALFSTDKRSVTQEINNQDAVSDTTPFSFSSKHATIEKNEISILQNLRKW
ANQYFSSYSVISSDMYTALNKAQAQKGDFDVVAKILQVHELDEYTNELKLKDASGQVFYTLSLKLKFPHVRTGEVVRIRS
ATYDETSTQKKVLILSHYSNIITFIQSSKLAKELRAKIQDDHSVEVASLKKNVSLNAVVLTEVDKKHAALPSTSLQDLFH
HADSDKELQAQDTFRTQFYVTKIEPSDVKEWVKGYDRKTKKSSSLKGASGKGDNIFQVQFLVKDASTQLNNNTYRVLLYT
QDGLGANFFNVKADNLHKNADARKKLEDSAELLTKFNSYVDAVVERRNGFYLIKDTKLIY
;
A
4 'polypeptide(L)'
;QQQSAFKQLYTELFNNEGDFSKVSSNLKKPLKCYVKESYPHFLVTDGYFFVAPYFTKEAVNEFHAKFPNVNIVDLTDKVI
VINNWSLELRRVNSAEVFTSYANLEARLIVHSFKPNLQERLNPTRYPVNLFRDDEFKTTIQHFRHTALQAAINKTVKGDN
LVDISKVADAAGKKGKVDAGIVKASASKGDEFSDFSFKEGNTATLKIADIFVQEKG
;
B
#
# COMPACT_ATOMS: atom_id res chain seq x y z
N TYR D 1 33.77 -22.11 -18.31
CA TYR D 1 33.33 -21.80 -16.91
C TYR D 1 33.20 -23.04 -16.02
N GLU D 2 33.81 -23.01 -14.85
CA GLU D 2 33.75 -24.13 -13.92
C GLU D 2 32.97 -23.65 -12.69
N TYR D 3 32.01 -24.45 -12.24
CA TYR D 3 31.22 -24.06 -11.09
C TYR D 3 31.57 -24.87 -9.84
N VAL D 4 31.87 -24.15 -8.77
CA VAL D 4 32.24 -24.77 -7.51
C VAL D 4 31.12 -24.68 -6.47
N GLU D 5 31.02 -25.68 -5.62
CA GLU D 5 30.02 -25.70 -4.57
C GLU D 5 30.42 -24.73 -3.47
N LEU D 6 29.42 -24.09 -2.87
CA LEU D 6 29.65 -23.07 -1.85
C LEU D 6 30.66 -23.39 -0.77
N ALA D 7 30.58 -24.60 -0.23
CA ALA D 7 31.47 -24.99 0.86
C ALA D 7 32.85 -25.39 0.36
N LYS D 8 32.99 -25.63 -0.94
CA LYS D 8 34.26 -26.06 -1.49
C LYS D 8 35.01 -24.94 -2.19
N ALA D 9 34.39 -23.76 -2.25
CA ALA D 9 35.03 -22.63 -2.92
C ALA D 9 36.28 -22.22 -2.15
N SER D 10 37.35 -21.89 -2.86
CA SER D 10 38.60 -21.51 -2.22
C SER D 10 38.54 -20.20 -1.47
N LEU D 11 39.06 -20.21 -0.25
CA LEU D 11 39.11 -19.03 0.58
C LEU D 11 40.47 -18.34 0.49
N THR D 12 41.41 -18.98 -0.20
CA THR D 12 42.76 -18.45 -0.32
C THR D 12 43.09 -17.89 -1.69
N SER D 13 42.74 -18.63 -2.73
CA SER D 13 43.02 -18.20 -4.11
C SER D 13 42.69 -16.74 -4.33
N ALA D 14 41.57 -16.29 -3.76
CA ALA D 14 41.11 -14.91 -3.93
C ALA D 14 40.93 -14.60 -5.44
N GLN D 15 40.77 -15.66 -6.24
CA GLN D 15 40.56 -15.59 -7.67
C GLN D 15 39.07 -15.66 -7.99
N PRO D 16 38.68 -15.20 -9.19
CA PRO D 16 37.28 -15.22 -9.59
C PRO D 16 36.74 -16.64 -9.64
N GLN D 17 35.64 -16.87 -8.90
CA GLN D 17 35.01 -18.18 -8.87
C GLN D 17 33.57 -18.05 -9.31
N HIS D 18 33.01 -19.14 -9.83
CA HIS D 18 31.64 -19.13 -10.32
C HIS D 18 30.85 -20.22 -9.62
N PHE D 19 29.52 -20.01 -9.53
CA PHE D 19 28.68 -20.99 -8.84
C PHE D 19 27.19 -20.82 -9.06
N TYR D 20 26.45 -21.88 -8.70
CA TYR D 20 24.98 -21.89 -8.79
C TYR D 20 24.52 -21.98 -7.35
N ALA D 21 23.40 -21.36 -7.00
CA ALA D 21 22.93 -21.43 -5.62
C ALA D 21 21.48 -21.05 -5.49
N VAL D 22 20.88 -21.46 -4.38
CA VAL D 22 19.49 -21.14 -4.09
C VAL D 22 19.42 -19.90 -3.19
N VAL D 23 18.65 -18.91 -3.58
CA VAL D 23 18.49 -17.70 -2.79
C VAL D 23 17.38 -17.88 -1.75
N ILE D 24 17.72 -17.61 -0.48
CA ILE D 24 16.75 -17.77 0.58
C ILE D 24 16.44 -16.45 1.22
N ASP D 25 17.20 -15.43 0.84
CA ASP D 25 16.98 -14.09 1.40
C ASP D 25 17.76 -13.07 0.60
N ALA D 26 17.21 -11.86 0.52
CA ALA D 26 17.90 -10.81 -0.22
C ALA D 26 17.31 -9.46 0.04
N THR D 27 18.13 -8.42 0.10
CA THR D 27 17.65 -7.06 0.25
C THR D 27 17.23 -6.62 -1.15
N PHE D 28 16.44 -5.56 -1.22
CA PHE D 28 16.05 -5.01 -2.51
C PHE D 28 17.25 -4.21 -2.98
N PRO D 29 17.46 -4.10 -4.30
CA PRO D 29 18.62 -3.33 -4.77
C PRO D 29 18.45 -1.90 -4.26
N TYR D 30 19.44 -1.37 -3.55
CA TYR D 30 19.35 -0.01 -3.04
C TYR D 30 20.59 0.84 -3.30
N LYS D 31 20.38 2.15 -3.38
CA LYS D 31 21.47 3.09 -3.62
C LYS D 31 22.15 3.48 -2.29
N THR D 32 23.48 3.62 -2.31
CA THR D 32 24.21 4.00 -1.11
C THR D 32 24.80 5.41 -1.20
N ASN D 33 25.20 5.80 -2.40
CA ASN D 33 25.75 7.13 -2.61
C ASN D 33 25.47 7.58 -4.05
N GLN D 34 26.00 8.75 -4.40
CA GLN D 34 25.82 9.30 -5.73
C GLN D 34 26.35 8.45 -6.87
N GLU D 35 26.56 7.15 -6.66
CA GLU D 35 27.05 6.32 -7.74
C GLU D 35 26.98 4.81 -7.50
N ARG D 36 26.72 4.36 -6.27
CA ARG D 36 26.69 2.92 -6.01
C ARG D 36 25.39 2.33 -5.49
N TYR D 37 25.07 1.15 -5.99
CA TYR D 37 23.90 0.40 -5.58
C TYR D 37 24.37 -0.98 -5.04
N ILE D 38 23.61 -1.55 -4.13
CA ILE D 38 23.96 -2.83 -3.56
C ILE D 38 22.75 -3.72 -3.35
N CYS D 39 23.01 -5.03 -3.39
CA CYS D 39 22.00 -6.02 -3.09
C CYS D 39 22.66 -7.17 -2.33
N SER D 40 22.39 -7.29 -1.04
CA SER D 40 22.94 -8.36 -0.24
C SER D 40 21.96 -9.51 -0.12
N LEU D 41 22.41 -10.72 -0.47
CA LEU D 41 21.56 -11.90 -0.31
C LEU D 41 22.18 -13.10 0.43
N LYS D 42 21.34 -14.05 0.83
CA LYS D 42 21.78 -15.26 1.49
C LYS D 42 21.57 -16.42 0.49
N ILE D 43 22.60 -17.25 0.32
CA ILE D 43 22.53 -18.37 -0.61
C ILE D 43 22.93 -19.69 0.03
N VAL D 44 22.37 -20.76 -0.50
CA VAL D 44 22.66 -22.09 0.01
C VAL D 44 22.77 -23.10 -1.14
N ASP D 45 23.31 -24.28 -0.86
CA ASP D 45 23.45 -25.35 -1.83
C ASP D 45 23.68 -26.66 -1.07
N PRO D 46 23.66 -27.81 -1.76
CA PRO D 46 23.86 -29.11 -1.13
C PRO D 46 25.00 -29.24 -0.13
N THR D 47 25.97 -28.33 -0.19
CA THR D 47 27.11 -28.39 0.72
C THR D 47 27.06 -27.37 1.85
N LEU D 48 26.07 -26.47 1.82
CA LEU D 48 25.95 -25.43 2.85
C LEU D 48 24.49 -24.97 2.91
N TYR D 49 23.78 -25.41 3.95
CA TYR D 49 22.39 -25.06 4.09
C TYR D 49 21.82 -25.25 5.50
N LEU D 50 22.59 -25.89 6.38
CA LEU D 50 22.12 -26.12 7.74
C LEU D 50 23.26 -26.11 8.75
N LYS D 51 23.00 -25.57 9.93
CA LYS D 51 24.00 -25.51 10.98
C LYS D 51 24.18 -26.86 11.66
N GLN D 52 25.36 -27.05 12.27
CA GLN D 52 25.68 -28.30 12.96
C GLN D 52 24.57 -28.72 13.90
N GLN D 53 23.66 -29.55 13.39
CA GLN D 53 22.51 -30.02 14.17
C GLN D 53 22.79 -30.97 15.33
N LYS D 54 22.33 -30.57 16.50
CA LYS D 54 22.50 -31.31 17.76
C LYS D 54 22.02 -30.31 18.79
N GLY D 55 22.60 -29.12 18.72
CA GLY D 55 22.24 -28.04 19.62
C GLY D 55 21.92 -26.84 18.76
N ALA D 56 22.03 -27.03 17.46
CA ALA D 56 21.76 -25.97 16.49
C ALA D 56 20.26 -25.60 16.43
N GLY D 57 19.42 -26.57 16.78
CA GLY D 57 17.98 -26.32 16.77
C GLY D 57 17.41 -26.35 15.36
N ASP D 58 18.17 -26.93 14.43
CA ASP D 58 17.74 -27.03 13.03
C ASP D 58 17.80 -25.64 12.32
N ALA D 59 18.68 -24.77 12.82
CA ALA D 59 18.85 -23.45 12.26
C ALA D 59 19.49 -23.62 10.90
N SER D 60 19.34 -22.62 10.04
CA SER D 60 19.89 -22.69 8.68
C SER D 60 21.28 -22.07 8.60
N ASP D 61 22.17 -22.73 7.86
CA ASP D 61 23.54 -22.22 7.66
C ASP D 61 23.54 -21.71 6.23
N TYR D 62 24.32 -20.68 5.95
CA TYR D 62 24.33 -20.13 4.60
C TYR D 62 25.53 -19.29 4.29
N ALA D 63 25.71 -19.00 3.01
CA ALA D 63 26.80 -18.14 2.58
C ALA D 63 26.13 -16.78 2.20
N THR D 64 26.91 -15.71 2.10
CA THR D 64 26.34 -14.44 1.74
C THR D 64 26.90 -13.96 0.40
N LEU D 65 26.05 -13.28 -0.36
CA LEU D 65 26.43 -12.76 -1.66
C LEU D 65 26.21 -11.26 -1.68
N VAL D 66 27.23 -10.50 -2.07
CA VAL D 66 27.10 -9.04 -2.10
C VAL D 66 27.44 -8.56 -3.50
N LEU D 67 26.43 -8.05 -4.19
CA LEU D 67 26.60 -7.58 -5.56
C LEU D 67 26.73 -6.07 -5.60
N TYR D 68 27.72 -5.57 -6.33
CA TYR D 68 27.94 -4.14 -6.44
C TYR D 68 27.70 -3.70 -7.88
N ALA D 69 27.16 -2.50 -8.05
CA ALA D 69 26.88 -1.98 -9.39
C ALA D 69 26.76 -0.46 -9.39
N LYS D 70 26.78 0.15 -10.58
CA LYS D 70 26.69 1.58 -10.72
C LYS D 70 25.33 1.98 -11.12
N ARG D 71 24.51 0.99 -11.50
CA ARG D 71 23.12 1.23 -11.92
C ARG D 71 22.15 0.25 -11.27
N PHE D 72 20.99 0.76 -10.87
CA PHE D 72 19.94 -0.05 -10.25
C PHE D 72 19.59 -1.25 -11.10
N GLU D 73 19.39 -1.02 -12.38
CA GLU D 73 19.03 -2.08 -13.33
C GLU D 73 20.06 -3.18 -13.50
N ASP D 74 21.24 -3.05 -12.89
CA ASP D 74 22.25 -4.10 -13.00
C ASP D 74 22.26 -5.07 -11.82
N LEU D 75 21.26 -4.97 -10.95
CA LEU D 75 21.13 -5.83 -9.79
C LEU D 75 19.84 -6.63 -9.86
N PRO D 76 19.87 -7.84 -9.30
CA PRO D 76 18.72 -8.77 -9.28
C PRO D 76 17.66 -8.45 -8.25
N ILE D 77 16.40 -8.43 -8.68
CA ILE D 77 15.28 -8.18 -7.77
C ILE D 77 14.74 -9.53 -7.33
N ILE D 78 14.99 -9.88 -6.06
CA ILE D 78 14.54 -11.17 -5.56
C ILE D 78 13.15 -11.06 -4.93
N HIS D 79 12.13 -11.54 -5.65
CA HIS D 79 10.76 -11.49 -5.14
C HIS D 79 10.41 -12.73 -4.36
N ARG D 80 10.98 -13.85 -4.78
CA ARG D 80 10.65 -15.14 -4.18
C ARG D 80 11.90 -15.90 -3.69
N ALA D 81 11.77 -16.48 -2.50
CA ALA D 81 12.84 -17.26 -1.93
C ALA D 81 12.77 -18.69 -2.46
N GLY D 82 13.92 -19.27 -2.76
CA GLY D 82 13.93 -20.63 -3.25
C GLY D 82 14.39 -20.70 -4.70
N ASP D 83 14.31 -19.59 -5.42
CA ASP D 83 14.78 -19.54 -6.81
C ASP D 83 16.29 -19.70 -6.86
N ILE D 84 16.84 -19.78 -8.08
CA ILE D 84 18.25 -20.02 -8.27
C ILE D 84 18.97 -18.86 -8.96
N ILE D 85 20.22 -18.66 -8.54
CA ILE D 85 21.03 -17.60 -9.14
C ILE D 85 22.39 -18.15 -9.55
N ARG D 86 22.88 -17.77 -10.72
CA ARG D 86 24.17 -18.20 -11.19
C ARG D 86 25.05 -16.95 -11.23
N VAL D 87 26.23 -17.06 -10.64
CA VAL D 87 27.16 -15.95 -10.60
C VAL D 87 28.46 -16.26 -11.33
N HIS D 88 29.05 -15.23 -11.92
CA HIS D 88 30.30 -15.34 -12.64
C HIS D 88 31.31 -14.34 -12.09
N ARG D 89 32.50 -14.85 -11.79
CA ARG D 89 33.59 -14.03 -11.29
C ARG D 89 33.31 -13.37 -9.94
N ALA D 90 33.11 -14.20 -8.92
CA ALA D 90 32.91 -13.71 -7.56
C ALA D 90 34.15 -14.03 -6.70
N THR D 91 34.60 -13.06 -5.90
CA THR D 91 35.76 -13.30 -5.02
C THR D 91 35.24 -13.69 -3.62
N LEU D 92 35.79 -14.75 -3.05
CA LEU D 92 35.33 -15.21 -1.74
C LEU D 92 36.28 -14.82 -0.61
N ARG D 93 35.71 -14.48 0.52
CA ARG D 93 36.50 -14.11 1.69
C ARG D 93 35.65 -14.32 2.93
N LEU D 94 36.31 -14.37 4.09
CA LEU D 94 35.63 -14.57 5.36
C LEU D 94 35.27 -13.24 6.00
N TYR D 95 33.98 -13.04 6.26
CA TYR D 95 33.50 -11.80 6.89
C TYR D 95 32.78 -12.14 8.17
N ASN D 96 33.40 -11.82 9.30
CA ASN D 96 32.86 -12.12 10.61
C ASN D 96 32.45 -13.57 10.78
N GLY D 97 33.28 -14.48 10.28
CA GLY D 97 33.00 -15.89 10.43
C GLY D 97 32.23 -16.57 9.32
N GLN D 98 31.67 -15.82 8.38
CA GLN D 98 30.91 -16.48 7.32
C GLN D 98 31.43 -16.26 5.91
N ARG D 99 31.26 -17.28 5.07
CA ARG D 99 31.70 -17.22 3.68
C ARG D 99 30.98 -16.15 2.90
N GLN D 100 31.68 -15.06 2.60
CA GLN D 100 31.12 -13.93 1.89
C GLN D 100 31.61 -13.85 0.45
N PHE D 101 30.70 -13.97 -0.50
CA PHE D 101 31.04 -13.86 -1.92
C PHE D 101 30.73 -12.44 -2.42
N ASN D 102 31.76 -11.79 -2.96
CA ASN D 102 31.63 -10.43 -3.46
C ASN D 102 31.79 -10.40 -4.96
N ALA D 103 30.85 -9.77 -5.65
CA ALA D 103 30.91 -9.67 -7.11
C ALA D 103 30.61 -8.29 -7.61
N ASN D 104 31.58 -7.67 -8.29
CA ASN D 104 31.39 -6.34 -8.87
C ASN D 104 30.81 -6.46 -10.28
N VAL D 105 29.51 -6.22 -10.40
CA VAL D 105 28.81 -6.28 -11.67
C VAL D 105 29.22 -5.12 -12.56
N PHE D 106 29.57 -3.99 -11.97
CA PHE D 106 29.95 -2.82 -12.74
C PHE D 106 31.30 -3.03 -13.43
N TYR D 107 31.94 -4.14 -13.14
CA TYR D 107 33.23 -4.42 -13.75
C TYR D 107 33.22 -5.62 -14.70
N SER D 108 33.37 -6.81 -14.12
CA SER D 108 33.38 -8.00 -14.96
C SER D 108 32.48 -9.12 -14.48
N SER D 109 31.89 -8.93 -13.30
CA SER D 109 31.00 -9.97 -12.75
C SER D 109 29.59 -9.94 -13.38
N SER D 110 28.87 -11.04 -13.25
CA SER D 110 27.52 -11.10 -13.79
C SER D 110 26.68 -12.13 -13.02
N TRP D 111 25.37 -11.98 -13.08
CA TRP D 111 24.45 -12.90 -12.43
C TRP D 111 23.31 -13.28 -13.35
N ALA D 112 22.65 -14.38 -13.02
CA ALA D 112 21.53 -14.85 -13.81
C ALA D 112 20.59 -15.61 -12.89
N LEU D 113 19.30 -15.29 -12.97
CA LEU D 113 18.27 -15.93 -12.13
C LEU D 113 17.46 -16.98 -12.87
N PHE D 114 17.20 -18.10 -12.23
CA PHE D 114 16.43 -19.17 -12.84
C PHE D 114 15.26 -19.50 -11.91
N SER D 115 14.08 -19.64 -12.51
CA SER D 115 12.90 -19.99 -11.76
C SER D 115 12.90 -21.46 -11.31
N THR D 116 12.84 -21.66 -10.00
CA THR D 116 12.77 -23.01 -9.47
C THR D 116 11.39 -23.61 -9.80
N ASP D 117 10.36 -22.78 -9.73
CA ASP D 117 9.03 -23.23 -10.05
C ASP D 117 8.83 -23.07 -11.55
N LYS D 118 7.72 -23.59 -12.05
CA LYS D 118 7.41 -23.53 -13.47
C LYS D 118 7.56 -22.14 -14.02
N ARG D 119 7.03 -21.16 -13.29
CA ARG D 119 7.09 -19.80 -13.73
C ARG D 119 7.78 -18.90 -12.70
N SER D 120 8.29 -17.77 -13.15
CA SER D 120 8.91 -16.80 -12.27
C SER D 120 7.76 -15.93 -11.72
N VAL D 121 8.03 -15.19 -10.65
CA VAL D 121 7.01 -14.36 -10.07
C VAL D 121 6.37 -13.50 -11.12
N THR D 122 7.19 -12.78 -11.91
CA THR D 122 6.68 -11.87 -12.95
C THR D 122 5.85 -12.63 -13.96
N GLN D 123 6.26 -13.85 -14.25
CA GLN D 123 5.53 -14.67 -15.22
C GLN D 123 4.19 -15.13 -14.67
N GLU D 124 4.10 -15.29 -13.35
CA GLU D 124 2.85 -15.69 -12.73
C GLU D 124 1.88 -14.51 -12.70
N ILE D 125 2.44 -13.33 -12.50
CA ILE D 125 1.65 -12.12 -12.45
C ILE D 125 1.03 -11.82 -13.80
N ASN D 126 1.73 -12.15 -14.88
CA ASN D 126 1.25 -11.87 -16.24
C ASN D 126 0.67 -13.09 -16.90
N ASN D 127 0.56 -14.16 -16.14
CA ASN D 127 0.02 -15.40 -16.67
C ASN D 127 0.74 -15.85 -17.93
N GLN D 128 2.06 -15.68 -17.93
CA GLN D 128 2.91 -16.06 -19.06
C GLN D 128 3.43 -17.49 -18.87
N ASP D 129 4.26 -17.93 -19.81
CA ASP D 129 4.87 -19.24 -19.76
C ASP D 129 6.38 -19.07 -19.87
N ALA D 130 7.13 -20.03 -19.37
CA ALA D 130 8.59 -19.95 -19.41
C ALA D 130 9.08 -20.39 -20.78
N VAL D 131 10.10 -19.71 -21.29
CA VAL D 131 10.67 -20.05 -22.60
C VAL D 131 11.21 -21.49 -22.56
N SER D 132 11.89 -21.84 -21.48
CA SER D 132 12.45 -23.16 -21.29
C SER D 132 12.95 -23.25 -19.85
N ASP D 133 13.26 -24.47 -19.39
CA ASP D 133 13.71 -24.64 -18.01
C ASP D 133 15.17 -24.20 -17.88
N THR D 134 15.81 -23.90 -19.01
CA THR D 134 17.20 -23.45 -18.97
C THR D 134 17.30 -21.98 -19.36
N THR D 135 16.17 -21.29 -19.37
CA THR D 135 16.15 -19.87 -19.71
C THR D 135 16.05 -18.99 -18.46
N PRO D 136 17.01 -18.09 -18.25
CA PRO D 136 17.01 -17.19 -17.08
C PRO D 136 15.92 -16.18 -17.26
N PHE D 137 15.11 -15.94 -16.22
CA PHE D 137 14.04 -14.97 -16.33
C PHE D 137 14.55 -13.54 -16.11
N SER D 138 15.84 -13.44 -15.82
CA SER D 138 16.50 -12.14 -15.63
C SER D 138 18.03 -12.35 -15.50
N PHE D 139 18.81 -11.34 -15.85
CA PHE D 139 20.24 -11.45 -15.77
C PHE D 139 20.92 -10.14 -16.00
N SER D 140 22.17 -10.04 -15.57
CA SER D 140 22.95 -8.80 -15.75
C SER D 140 23.65 -8.84 -17.10
N SER D 141 23.92 -7.66 -17.65
CA SER D 141 24.60 -7.49 -18.94
C SER D 141 23.62 -7.79 -20.09
N LYS D 142 23.99 -7.39 -21.28
CA LYS D 142 23.15 -7.59 -22.46
C LYS D 142 23.08 -9.04 -22.93
N HIS D 143 23.88 -9.93 -22.34
CA HIS D 143 23.87 -11.33 -22.76
C HIS D 143 24.09 -12.33 -21.64
N ALA D 144 23.41 -13.46 -21.77
CA ALA D 144 23.53 -14.55 -20.80
C ALA D 144 23.62 -15.85 -21.58
N THR D 145 24.69 -16.60 -21.38
CA THR D 145 24.85 -17.85 -22.10
C THR D 145 24.81 -19.07 -21.19
N ILE D 146 24.08 -20.09 -21.62
CA ILE D 146 23.98 -21.34 -20.86
C ILE D 146 24.55 -22.49 -21.69
N GLU D 147 25.55 -23.18 -21.16
CA GLU D 147 26.18 -24.28 -21.87
C GLU D 147 25.45 -25.60 -21.57
N LYS D 148 25.66 -26.59 -22.42
CA LYS D 148 25.01 -27.91 -22.27
C LYS D 148 25.34 -28.59 -20.95
N ASN D 149 26.57 -28.41 -20.47
CA ASN D 149 26.98 -29.03 -19.22
C ASN D 149 26.32 -28.43 -17.98
N GLU D 150 25.73 -27.24 -18.13
CA GLU D 150 25.07 -26.57 -17.01
C GLU D 150 23.68 -27.13 -16.76
N ILE D 151 23.02 -27.58 -17.81
CA ILE D 151 21.68 -28.11 -17.68
C ILE D 151 21.52 -29.07 -16.49
N SER D 152 22.43 -30.03 -16.38
CA SER D 152 22.36 -31.00 -15.29
C SER D 152 22.51 -30.31 -13.95
N ILE D 153 23.35 -29.29 -13.88
CA ILE D 153 23.55 -28.53 -12.65
C ILE D 153 22.26 -27.83 -12.23
N LEU D 154 21.71 -27.04 -13.13
CA LEU D 154 20.47 -26.30 -12.88
C LEU D 154 19.30 -27.25 -12.55
N GLN D 155 19.19 -28.31 -13.34
CA GLN D 155 18.10 -29.27 -13.13
C GLN D 155 18.21 -29.98 -11.81
N ASN D 156 19.43 -30.32 -11.42
CA ASN D 156 19.66 -30.99 -10.15
C ASN D 156 19.45 -30.08 -8.97
N LEU D 157 20.01 -28.88 -9.03
CA LEU D 157 19.85 -27.91 -7.95
C LEU D 157 18.38 -27.58 -7.74
N ARG D 158 17.59 -27.60 -8.81
CA ARG D 158 16.17 -27.32 -8.71
C ARG D 158 15.52 -28.41 -7.87
N LYS D 159 15.85 -29.65 -8.19
CA LYS D 159 15.29 -30.79 -7.47
C LYS D 159 15.66 -30.70 -6.00
N TRP D 160 16.89 -30.23 -5.75
CA TRP D 160 17.39 -30.08 -4.39
C TRP D 160 16.62 -28.96 -3.64
N ALA D 161 16.36 -27.85 -4.35
CA ALA D 161 15.65 -26.73 -3.76
C ALA D 161 14.29 -27.15 -3.24
N ASN D 162 13.54 -27.89 -4.06
CA ASN D 162 12.21 -28.35 -3.63
C ASN D 162 12.30 -29.34 -2.45
N GLN D 163 13.32 -30.18 -2.46
CA GLN D 163 13.47 -31.15 -1.37
C GLN D 163 13.82 -30.40 -0.11
N TYR D 164 14.69 -29.38 -0.27
CA TYR D 164 15.14 -28.54 0.85
C TYR D 164 14.00 -27.73 1.46
N PHE D 165 13.25 -27.03 0.61
CA PHE D 165 12.15 -26.20 1.10
C PHE D 165 10.98 -26.99 1.64
N SER D 166 10.81 -28.21 1.15
CA SER D 166 9.70 -29.06 1.61
C SER D 166 10.04 -29.86 2.87
N SER D 167 11.33 -29.98 3.18
CA SER D 167 11.77 -30.71 4.37
C SER D 167 12.11 -29.79 5.55
N TYR D 168 12.70 -28.63 5.27
CA TYR D 168 13.06 -27.71 6.33
C TYR D 168 12.32 -26.38 6.20
N SER D 169 12.36 -25.59 7.28
CA SER D 169 11.72 -24.28 7.27
C SER D 169 12.47 -23.29 6.37
N VAL D 170 13.76 -23.51 6.20
CA VAL D 170 14.66 -22.69 5.38
C VAL D 170 14.80 -21.36 6.11
N ILE D 171 13.69 -20.67 6.37
CA ILE D 171 13.71 -19.42 7.10
C ILE D 171 13.40 -19.84 8.53
N SER D 172 14.43 -20.22 9.28
CA SER D 172 14.28 -20.66 10.68
C SER D 172 13.93 -19.53 11.63
N SER D 173 13.47 -19.91 12.82
CA SER D 173 13.02 -18.96 13.82
C SER D 173 14.07 -17.93 14.21
N ASP D 174 15.34 -18.24 13.96
CA ASP D 174 16.39 -17.29 14.34
C ASP D 174 16.53 -16.20 13.26
N MET D 175 15.75 -16.30 12.19
CA MET D 175 15.83 -15.34 11.09
C MET D 175 14.70 -14.35 11.03
N TYR D 176 13.95 -14.22 12.10
CA TYR D 176 12.86 -13.26 12.13
C TYR D 176 12.27 -13.10 13.54
N THR D 177 11.56 -12.00 13.77
CA THR D 177 11.00 -11.73 15.09
C THR D 177 9.46 -11.83 15.07
N ALA D 178 8.90 -12.32 16.16
CA ALA D 178 7.44 -12.45 16.25
C ALA D 178 6.82 -11.08 16.36
N LEU D 179 5.70 -10.89 15.65
CA LEU D 179 5.04 -9.59 15.63
C LEU D 179 4.63 -9.05 16.98
N ASN D 180 4.37 -9.95 17.94
CA ASN D 180 3.96 -9.52 19.27
C ASN D 180 5.17 -9.16 20.12
N LYS D 181 6.36 -9.13 19.53
CA LYS D 181 7.56 -8.78 20.27
C LYS D 181 8.31 -7.70 19.47
N ALA D 182 7.68 -7.19 18.42
CA ALA D 182 8.33 -6.21 17.55
C ALA D 182 8.69 -4.91 18.27
N GLN D 183 7.87 -4.56 19.26
CA GLN D 183 8.08 -3.31 19.98
C GLN D 183 9.30 -3.37 20.90
N ALA D 184 9.80 -4.58 21.14
CA ALA D 184 10.96 -4.75 22.02
C ALA D 184 12.31 -4.57 21.27
N GLN D 185 12.28 -4.70 19.94
CA GLN D 185 13.49 -4.57 19.14
C GLN D 185 14.07 -3.15 19.15
N LYS D 186 15.39 -3.05 19.31
CA LYS D 186 16.10 -1.78 19.29
C LYS D 186 16.07 -1.15 17.89
N GLY D 187 16.33 -1.96 16.86
CA GLY D 187 16.35 -1.43 15.52
C GLY D 187 15.44 -2.21 14.60
N ASP D 188 15.91 -2.54 13.41
CA ASP D 188 15.09 -3.25 12.44
C ASP D 188 15.10 -4.74 12.72
N PHE D 189 14.13 -5.45 12.13
CA PHE D 189 13.98 -6.88 12.32
C PHE D 189 13.27 -7.48 11.13
N ASP D 190 13.24 -8.79 11.05
CA ASP D 190 12.58 -9.44 9.93
C ASP D 190 11.24 -10.09 10.37
N VAL D 191 10.36 -10.31 9.41
CA VAL D 191 9.04 -10.87 9.69
C VAL D 191 8.66 -11.98 8.70
N VAL D 192 7.81 -12.87 9.18
CA VAL D 192 7.31 -13.96 8.37
C VAL D 192 5.84 -14.06 8.72
N ALA D 193 4.98 -13.53 7.86
CA ALA D 193 3.54 -13.57 8.14
C ALA D 193 2.69 -13.78 6.89
N LYS D 194 1.40 -14.04 7.11
CA LYS D 194 0.45 -14.25 6.04
C LYS D 194 -0.22 -12.95 5.72
N ILE D 195 -0.45 -12.69 4.44
CA ILE D 195 -1.10 -11.46 4.03
C ILE D 195 -2.60 -11.68 4.14
N LEU D 196 -3.21 -11.07 5.14
CA LEU D 196 -4.63 -11.22 5.37
C LEU D 196 -5.43 -10.32 4.47
N GLN D 197 -4.87 -9.20 4.05
CA GLN D 197 -5.59 -8.26 3.18
C GLN D 197 -4.65 -7.29 2.45
N VAL D 198 -5.04 -6.91 1.23
CA VAL D 198 -4.28 -5.97 0.44
C VAL D 198 -5.23 -4.83 0.13
N HIS D 199 -5.12 -3.75 0.89
CA HIS D 199 -6.00 -2.60 0.72
C HIS D 199 -5.29 -1.49 -0.08
N GLU D 200 -5.88 -1.12 -1.21
CA GLU D 200 -5.34 -0.09 -2.06
C GLU D 200 -5.59 1.24 -1.36
N LEU D 201 -4.53 1.80 -0.78
CA LEU D 201 -4.63 3.05 -0.08
C LEU D 201 -4.74 4.22 -1.07
N ASP D 202 -3.86 4.26 -2.06
CA ASP D 202 -3.85 5.32 -3.05
C ASP D 202 -3.33 4.83 -4.40
N GLU D 203 -3.11 5.75 -5.32
CA GLU D 203 -2.68 5.41 -6.68
C GLU D 203 -1.40 4.55 -6.76
N TYR D 204 -0.54 4.66 -5.74
CA TYR D 204 0.71 3.92 -5.78
C TYR D 204 1.05 3.13 -4.54
N THR D 205 0.15 3.07 -3.59
CA THR D 205 0.43 2.35 -2.36
C THR D 205 -0.58 1.32 -1.90
N ASN D 206 -0.08 0.13 -1.55
CA ASN D 206 -0.92 -0.93 -0.97
C ASN D 206 -0.70 -0.95 0.54
N GLU D 207 -1.76 -1.14 1.30
CA GLU D 207 -1.61 -1.27 2.74
C GLU D 207 -1.85 -2.77 3.07
N LEU D 208 -0.78 -3.49 3.36
CA LEU D 208 -0.85 -4.91 3.72
C LEU D 208 -1.27 -5.12 5.18
N LYS D 209 -2.23 -6.02 5.37
CA LYS D 209 -2.67 -6.37 6.72
C LYS D 209 -2.01 -7.72 6.98
N LEU D 210 -1.02 -7.72 7.87
CA LEU D 210 -0.26 -8.93 8.18
C LEU D 210 -0.60 -9.57 9.52
N LYS D 211 -0.40 -10.87 9.62
CA LYS D 211 -0.64 -11.58 10.85
C LYS D 211 0.34 -12.78 10.84
N ASP D 212 1.12 -12.95 11.90
CA ASP D 212 2.08 -14.05 11.93
C ASP D 212 1.66 -15.16 12.89
N ALA D 213 2.55 -16.13 13.09
CA ALA D 213 2.27 -17.25 13.97
C ALA D 213 1.98 -16.85 15.42
N SER D 214 2.30 -15.63 15.81
CA SER D 214 2.10 -15.21 17.19
C SER D 214 0.69 -14.67 17.38
N GLY D 215 -0.06 -14.57 16.29
CA GLY D 215 -1.43 -14.06 16.35
C GLY D 215 -1.54 -12.54 16.31
N GLN D 216 -0.41 -11.83 16.25
CA GLN D 216 -0.43 -10.38 16.21
C GLN D 216 -0.68 -9.86 14.80
N VAL D 217 -1.52 -8.85 14.68
CA VAL D 217 -1.80 -8.24 13.41
C VAL D 217 -1.05 -6.91 13.25
N PHE D 218 -0.51 -6.67 12.05
CA PHE D 218 0.20 -5.44 11.75
C PHE D 218 -0.16 -4.97 10.36
N TYR D 219 -0.03 -3.65 10.17
CA TYR D 219 -0.27 -3.05 8.86
C TYR D 219 1.07 -2.45 8.36
N THR D 220 1.26 -2.44 7.04
CA THR D 220 2.45 -1.85 6.47
C THR D 220 2.15 -1.44 5.04
N LEU D 221 2.74 -0.31 4.62
CA LEU D 221 2.52 0.14 3.25
C LEU D 221 3.49 -0.58 2.31
N SER D 222 3.03 -0.94 1.12
CA SER D 222 3.82 -1.69 0.16
C SER D 222 3.57 -1.08 -1.21
N LEU D 223 4.51 -0.29 -1.72
CA LEU D 223 4.38 0.35 -3.02
C LEU D 223 3.98 -0.70 -4.06
N LYS D 224 3.05 -0.31 -4.93
CA LYS D 224 2.58 -1.19 -6.02
C LYS D 224 3.69 -1.57 -7.00
N LEU D 225 4.47 -0.57 -7.40
CA LEU D 225 5.56 -0.79 -8.35
C LEU D 225 6.66 -1.70 -7.81
N LYS D 226 7.06 -1.44 -6.57
CA LYS D 226 8.12 -2.21 -5.96
C LYS D 226 7.75 -3.66 -5.67
N PHE D 227 6.62 -3.84 -5.04
CA PHE D 227 6.17 -5.20 -4.68
C PHE D 227 4.82 -5.56 -5.35
N PRO D 228 4.84 -5.78 -6.67
CA PRO D 228 3.61 -6.11 -7.39
C PRO D 228 3.13 -7.55 -7.24
N HIS D 229 3.88 -8.33 -6.46
CA HIS D 229 3.54 -9.74 -6.27
C HIS D 229 2.78 -10.05 -4.99
N VAL D 230 2.42 -9.04 -4.23
CA VAL D 230 1.70 -9.28 -2.99
C VAL D 230 0.32 -9.84 -3.28
N ARG D 231 -0.13 -10.79 -2.47
CA ARG D 231 -1.43 -11.44 -2.65
C ARG D 231 -2.05 -11.89 -1.34
N THR D 232 -3.35 -11.65 -1.21
CA THR D 232 -4.04 -12.05 0.02
C THR D 232 -4.02 -13.58 0.20
N GLY D 233 -3.74 -14.03 1.42
CA GLY D 233 -3.68 -15.47 1.72
C GLY D 233 -2.29 -16.05 1.58
N GLU D 234 -1.36 -15.32 1.02
CA GLU D 234 0.00 -15.81 0.82
C GLU D 234 0.90 -15.46 1.99
N VAL D 235 1.95 -16.26 2.17
CA VAL D 235 2.89 -16.04 3.25
C VAL D 235 4.15 -15.38 2.68
N VAL D 236 4.63 -14.33 3.34
CA VAL D 236 5.82 -13.64 2.89
C VAL D 236 6.83 -13.37 4.02
N ARG D 237 8.09 -13.27 3.64
CA ARG D 237 9.14 -12.92 4.60
C ARG D 237 9.48 -11.45 4.31
N ILE D 238 9.47 -10.62 5.34
CA ILE D 238 9.82 -9.24 5.16
C ILE D 238 11.23 -9.01 5.68
N ARG D 239 12.12 -8.58 4.79
CA ARG D 239 13.50 -8.27 5.16
C ARG D 239 13.62 -6.80 5.58
N SER D 240 13.92 -6.60 6.87
CA SER D 240 14.15 -5.30 7.46
C SER D 240 12.92 -4.44 7.64
N ALA D 241 12.39 -4.49 8.86
CA ALA D 241 11.20 -3.71 9.17
C ALA D 241 11.38 -3.11 10.56
N THR D 242 10.69 -2.00 10.83
CA THR D 242 10.79 -1.38 12.14
C THR D 242 9.42 -1.08 12.73
N TYR D 243 9.36 -1.11 14.07
CA TYR D 243 8.10 -0.86 14.78
C TYR D 243 7.86 0.65 14.79
N ASP D 244 6.68 1.07 14.35
CA ASP D 244 6.36 2.50 14.32
C ASP D 244 5.74 2.98 15.63
N GLU D 245 6.54 3.61 16.46
CA GLU D 245 6.06 4.11 17.75
C GLU D 245 5.07 5.25 17.63
N THR D 246 5.10 5.97 16.52
CA THR D 246 4.23 7.12 16.31
C THR D 246 2.82 6.77 15.86
N SER D 247 2.48 5.48 15.81
CA SER D 247 1.13 5.10 15.40
C SER D 247 0.41 4.47 16.59
N THR D 248 -0.57 5.19 17.11
CA THR D 248 -1.33 4.72 18.26
C THR D 248 -2.66 4.07 17.89
N GLN D 249 -3.25 4.48 16.77
CA GLN D 249 -4.53 3.93 16.34
C GLN D 249 -4.42 2.55 15.68
N LYS D 250 -3.21 2.13 15.32
CA LYS D 250 -3.01 0.83 14.70
C LYS D 250 -1.52 0.44 14.68
N LYS D 251 -1.26 -0.87 14.80
CA LYS D 251 0.11 -1.40 14.79
C LYS D 251 0.64 -1.29 13.37
N VAL D 252 1.72 -0.53 13.21
CA VAL D 252 2.32 -0.32 11.88
C VAL D 252 3.80 -0.69 11.81
N LEU D 253 4.18 -1.24 10.66
CA LEU D 253 5.57 -1.62 10.42
C LEU D 253 6.11 -0.63 9.38
N ILE D 254 7.34 -0.15 9.59
CA ILE D 254 7.96 0.78 8.65
C ILE D 254 8.98 0.06 7.79
N LEU D 255 8.95 0.30 6.49
CA LEU D 255 9.91 -0.35 5.59
C LEU D 255 10.82 0.70 5.00
N SER D 256 12.02 0.28 4.56
CA SER D 256 13.02 1.20 4.03
C SER D 256 13.23 0.89 2.57
N HIS D 257 13.92 1.77 1.85
CA HIS D 257 14.18 1.51 0.45
C HIS D 257 14.94 0.19 0.21
N TYR D 258 15.60 -0.35 1.24
CA TYR D 258 16.32 -1.62 1.09
C TYR D 258 15.53 -2.81 1.59
N SER D 259 14.42 -2.54 2.25
CA SER D 259 13.55 -3.58 2.78
C SER D 259 12.99 -4.35 1.58
N ASN D 260 12.65 -5.62 1.82
CA ASN D 260 12.12 -6.44 0.74
C ASN D 260 11.02 -7.37 1.22
N ILE D 261 10.07 -7.68 0.33
CA ILE D 261 8.94 -8.57 0.67
C ILE D 261 9.07 -9.79 -0.24
N ILE D 262 9.36 -10.94 0.36
CA ILE D 262 9.63 -12.15 -0.39
C ILE D 262 8.66 -13.29 -0.14
N THR D 263 8.17 -13.87 -1.23
CA THR D 263 7.25 -15.00 -1.11
C THR D 263 8.08 -16.31 -1.16
N PHE D 264 7.40 -17.45 -1.06
CA PHE D 264 8.10 -18.73 -1.08
C PHE D 264 7.70 -19.59 -2.26
N ILE D 265 8.61 -20.44 -2.71
CA ILE D 265 8.32 -21.34 -3.81
C ILE D 265 7.26 -22.34 -3.38
N GLN D 266 6.46 -22.79 -4.35
CA GLN D 266 5.34 -23.72 -4.14
C GLN D 266 5.61 -24.84 -3.14
N SER D 267 6.82 -25.40 -3.12
CA SER D 267 7.12 -26.51 -2.22
C SER D 267 7.51 -26.12 -0.80
N SER D 268 7.40 -24.84 -0.46
CA SER D 268 7.80 -24.37 0.85
C SER D 268 6.99 -24.96 1.98
N LYS D 269 7.69 -25.68 2.85
CA LYS D 269 7.04 -26.30 3.99
C LYS D 269 6.52 -25.22 4.96
N LEU D 270 7.35 -24.21 5.17
CA LEU D 270 7.01 -23.09 6.06
C LEU D 270 5.77 -22.35 5.58
N ALA D 271 5.76 -21.96 4.32
CA ALA D 271 4.65 -21.23 3.74
C ALA D 271 3.37 -22.08 3.76
N LYS D 272 3.54 -23.37 3.51
CA LYS D 272 2.40 -24.27 3.46
C LYS D 272 1.74 -24.35 4.84
N GLU D 273 2.56 -24.54 5.87
CA GLU D 273 2.02 -24.65 7.22
C GLU D 273 1.41 -23.35 7.71
N LEU D 274 2.02 -22.23 7.35
CA LEU D 274 1.51 -20.96 7.80
C LEU D 274 0.21 -20.57 7.11
N ARG D 275 0.08 -20.93 5.83
CA ARG D 275 -1.14 -20.60 5.11
C ARG D 275 -2.35 -21.25 5.80
N ALA D 276 -2.13 -22.43 6.36
CA ALA D 276 -3.20 -23.17 7.03
C ALA D 276 -3.31 -22.79 8.50
N LYS D 277 -2.17 -22.71 9.18
CA LYS D 277 -2.17 -22.37 10.60
C LYS D 277 -2.76 -21.00 10.90
N ILE D 278 -2.25 -19.97 10.23
CA ILE D 278 -2.70 -18.60 10.48
C ILE D 278 -4.03 -18.33 9.76
N GLN D 279 -5.05 -17.99 10.53
CA GLN D 279 -6.36 -17.73 9.96
C GLN D 279 -6.82 -16.30 10.06
N ASP D 280 -7.67 -15.91 9.11
CA ASP D 280 -8.18 -14.56 9.04
C ASP D 280 -8.59 -14.01 10.38
N ASP D 281 -8.38 -12.72 10.56
CA ASP D 281 -8.71 -12.06 11.82
C ASP D 281 -9.52 -10.81 11.50
N HIS D 282 -10.67 -10.65 12.17
CA HIS D 282 -11.53 -9.51 11.97
C HIS D 282 -11.71 -8.75 13.27
N SER D 283 -10.86 -9.05 14.24
CA SER D 283 -10.96 -8.39 15.55
C SER D 283 -10.77 -6.88 15.44
N VAL D 284 -9.84 -6.47 14.59
CA VAL D 284 -9.59 -5.06 14.39
C VAL D 284 -10.81 -4.37 13.79
N GLU D 285 -11.37 -4.98 12.75
CA GLU D 285 -12.53 -4.44 12.08
C GLU D 285 -13.70 -4.34 13.06
N VAL D 286 -14.04 -5.47 13.69
CA VAL D 286 -15.17 -5.51 14.63
C VAL D 286 -15.04 -4.41 15.70
N ALA D 287 -13.82 -4.12 16.10
CA ALA D 287 -13.60 -3.08 17.09
C ALA D 287 -13.75 -1.66 16.51
N SER D 288 -13.51 -1.51 15.22
CA SER D 288 -13.63 -0.21 14.59
C SER D 288 -15.09 0.24 14.41
N LEU D 289 -15.98 -0.72 14.19
CA LEU D 289 -17.39 -0.40 13.98
C LEU D 289 -17.99 0.29 15.23
N LYS D 290 -17.24 0.31 16.33
CA LYS D 290 -17.72 0.92 17.56
C LYS D 290 -17.14 2.32 17.73
N LYS D 291 -16.22 2.69 16.84
CA LYS D 291 -15.59 4.00 16.89
C LYS D 291 -16.25 5.00 15.92
N ASN D 292 -16.29 6.25 16.31
CA ASN D 292 -16.87 7.28 15.48
C ASN D 292 -16.02 7.54 14.26
N VAL D 293 -14.70 7.35 14.38
CA VAL D 293 -13.77 7.56 13.28
C VAL D 293 -12.67 6.50 13.34
N SER D 294 -12.74 5.53 12.42
CA SER D 294 -11.75 4.46 12.37
C SER D 294 -10.63 4.75 11.38
N LEU D 295 -9.39 4.67 11.85
CA LEU D 295 -8.25 4.89 10.98
C LEU D 295 -7.86 3.59 10.29
N ASN D 296 -8.57 2.53 10.65
CA ASN D 296 -8.35 1.23 10.02
C ASN D 296 -9.43 0.95 9.00
N ALA D 297 -9.04 0.59 7.78
CA ALA D 297 -10.00 0.26 6.73
C ALA D 297 -10.81 -0.97 7.11
N VAL D 298 -12.04 -1.06 6.63
CA VAL D 298 -12.91 -2.19 6.88
C VAL D 298 -13.63 -2.66 5.60
N VAL D 299 -13.29 -3.84 5.13
CA VAL D 299 -13.95 -4.39 3.96
C VAL D 299 -15.24 -5.04 4.48
N LEU D 300 -16.38 -4.37 4.25
CA LEU D 300 -17.67 -4.84 4.72
C LEU D 300 -18.25 -6.06 4.01
N THR D 301 -17.69 -6.47 2.87
CA THR D 301 -18.27 -7.61 2.14
C THR D 301 -17.27 -8.66 1.71
N GLU D 302 -17.82 -9.75 1.18
CA GLU D 302 -17.03 -10.87 0.69
C GLU D 302 -17.70 -11.41 -0.56
N VAL D 303 -16.91 -11.69 -1.59
CA VAL D 303 -17.46 -12.17 -2.84
C VAL D 303 -17.56 -13.68 -2.80
N ASP D 304 -18.43 -14.23 -3.64
CA ASP D 304 -18.64 -15.67 -3.73
C ASP D 304 -17.30 -16.36 -3.99
N LYS D 305 -17.08 -17.47 -3.29
CA LYS D 305 -15.86 -18.24 -3.41
C LYS D 305 -15.43 -18.51 -4.84
N LYS D 306 -16.39 -18.70 -5.73
CA LYS D 306 -16.07 -18.99 -7.12
C LYS D 306 -15.42 -17.84 -7.86
N HIS D 307 -15.60 -16.63 -7.34
CA HIS D 307 -15.00 -15.45 -7.97
C HIS D 307 -13.64 -15.06 -7.35
N ALA D 308 -13.12 -15.93 -6.49
CA ALA D 308 -11.83 -15.65 -5.81
C ALA D 308 -10.67 -15.54 -6.78
N ALA D 309 -10.68 -16.34 -7.82
CA ALA D 309 -9.58 -16.32 -8.79
C ALA D 309 -9.85 -15.32 -9.91
N LEU D 310 -10.57 -14.26 -9.59
CA LEU D 310 -10.91 -13.24 -10.58
C LEU D 310 -10.16 -11.94 -10.26
N PRO D 311 -9.45 -11.37 -11.23
CA PRO D 311 -8.71 -10.13 -11.02
C PRO D 311 -9.67 -8.97 -10.88
N SER D 312 -9.28 -7.95 -10.11
CA SER D 312 -10.14 -6.80 -9.89
C SER D 312 -9.95 -5.71 -10.96
N THR D 313 -10.99 -4.90 -11.12
CA THR D 313 -10.97 -3.81 -12.09
C THR D 313 -11.37 -2.52 -11.39
N SER D 314 -10.59 -1.47 -11.61
CA SER D 314 -10.84 -0.18 -10.95
C SER D 314 -12.04 0.55 -11.55
N LEU D 315 -12.52 1.57 -10.85
CA LEU D 315 -13.65 2.34 -11.33
C LEU D 315 -13.26 3.13 -12.58
N GLN D 316 -11.99 3.51 -12.66
CA GLN D 316 -11.49 4.26 -13.79
C GLN D 316 -11.74 3.47 -15.08
N ASP D 317 -11.42 2.18 -15.07
CA ASP D 317 -11.63 1.37 -16.25
C ASP D 317 -13.09 1.03 -16.42
N LEU D 318 -13.74 0.72 -15.30
CA LEU D 318 -15.14 0.32 -15.30
C LEU D 318 -16.06 1.36 -15.92
N PHE D 319 -15.80 2.63 -15.65
CA PHE D 319 -16.65 3.70 -16.14
C PHE D 319 -16.06 4.58 -17.22
N HIS D 320 -14.75 4.56 -17.40
CA HIS D 320 -14.12 5.42 -18.41
C HIS D 320 -13.46 4.65 -19.55
N HIS D 321 -13.26 3.36 -19.43
CA HIS D 321 -12.62 2.61 -20.50
C HIS D 321 -13.35 1.33 -20.87
N ALA D 322 -14.47 1.05 -20.21
CA ALA D 322 -15.22 -0.18 -20.48
C ALA D 322 -15.86 -0.23 -21.87
N ASP D 323 -15.89 0.89 -22.58
CA ASP D 323 -16.46 0.92 -23.93
C ASP D 323 -15.44 1.24 -25.01
N SER D 324 -14.17 1.39 -24.63
CA SER D 324 -13.12 1.69 -25.58
C SER D 324 -12.01 0.64 -25.60
N ASP D 325 -11.73 0.04 -24.44
CA ASP D 325 -10.69 -0.97 -24.36
C ASP D 325 -11.17 -2.30 -24.93
N LYS D 326 -10.42 -2.81 -25.89
CA LYS D 326 -10.76 -4.07 -26.55
C LYS D 326 -11.08 -5.20 -25.57
N GLU D 327 -10.28 -5.30 -24.51
CA GLU D 327 -10.47 -6.35 -23.52
C GLU D 327 -11.69 -6.17 -22.63
N LEU D 328 -11.83 -5.00 -22.04
CA LEU D 328 -12.97 -4.71 -21.16
C LEU D 328 -14.30 -4.94 -21.87
N GLN D 329 -14.33 -4.73 -23.18
CA GLN D 329 -15.55 -4.91 -23.97
C GLN D 329 -15.99 -6.35 -24.04
N ALA D 330 -15.03 -7.27 -24.03
CA ALA D 330 -15.33 -8.69 -24.11
C ALA D 330 -15.88 -9.28 -22.82
N GLN D 331 -15.65 -8.60 -21.69
CA GLN D 331 -16.11 -9.09 -20.39
C GLN D 331 -17.40 -8.42 -20.00
N ASP D 332 -18.29 -9.18 -19.36
CA ASP D 332 -19.56 -8.64 -18.89
C ASP D 332 -19.61 -8.69 -17.36
N THR D 333 -18.80 -9.58 -16.77
CA THR D 333 -18.72 -9.73 -15.33
C THR D 333 -17.38 -9.22 -14.82
N PHE D 334 -17.42 -8.38 -13.79
CA PHE D 334 -16.20 -7.81 -13.24
C PHE D 334 -16.20 -7.84 -11.73
N ARG D 335 -15.01 -7.69 -11.15
CA ARG D 335 -14.87 -7.61 -9.70
C ARG D 335 -14.19 -6.28 -9.41
N THR D 336 -14.59 -5.60 -8.35
CA THR D 336 -13.99 -4.32 -8.06
C THR D 336 -14.14 -3.98 -6.58
N GLN D 337 -13.40 -2.96 -6.14
CA GLN D 337 -13.46 -2.50 -4.74
C GLN D 337 -13.75 -1.01 -4.72
N PHE D 338 -14.52 -0.55 -3.75
CA PHE D 338 -14.82 0.87 -3.66
C PHE D 338 -15.43 1.20 -2.32
N TYR D 339 -15.60 2.49 -2.04
CA TYR D 339 -16.28 2.93 -0.83
C TYR D 339 -17.53 3.70 -1.22
N VAL D 340 -18.59 3.59 -0.42
CA VAL D 340 -19.86 4.24 -0.71
C VAL D 340 -19.89 5.64 -0.11
N THR D 341 -20.21 6.63 -0.95
CA THR D 341 -20.31 8.02 -0.50
C THR D 341 -21.74 8.40 -0.14
N LYS D 342 -22.69 7.83 -0.89
CA LYS D 342 -24.09 8.12 -0.67
C LYS D 342 -24.93 6.97 -1.19
N ILE D 343 -26.11 6.78 -0.57
CA ILE D 343 -27.00 5.69 -0.94
C ILE D 343 -28.36 6.21 -1.29
N GLU D 344 -28.90 5.76 -2.42
CA GLU D 344 -30.23 6.22 -2.84
C GLU D 344 -31.14 5.02 -3.04
N PRO D 345 -32.43 5.19 -2.72
CA PRO D 345 -33.06 6.41 -2.22
C PRO D 345 -32.61 6.71 -0.80
N SER D 346 -32.66 7.98 -0.42
CA SER D 346 -32.27 8.41 0.92
C SER D 346 -33.04 7.69 2.03
N ASP D 347 -34.35 7.58 1.87
CA ASP D 347 -35.17 6.91 2.87
C ASP D 347 -34.97 5.42 2.77
N VAL D 348 -34.33 4.84 3.79
CA VAL D 348 -34.06 3.41 3.82
C VAL D 348 -35.31 2.59 3.61
N LYS D 349 -36.44 3.07 4.10
CA LYS D 349 -37.70 2.36 3.99
C LYS D 349 -38.10 2.15 2.54
N GLU D 350 -37.54 2.98 1.64
CA GLU D 350 -37.84 2.85 0.21
C GLU D 350 -36.85 1.95 -0.54
N TRP D 351 -35.87 1.40 0.18
CA TRP D 351 -34.91 0.52 -0.46
C TRP D 351 -35.61 -0.70 -1.07
N VAL D 352 -36.73 -1.11 -0.48
CA VAL D 352 -37.48 -2.26 -0.97
C VAL D 352 -38.77 -1.76 -1.60
N LYS D 353 -38.98 -2.12 -2.86
CA LYS D 353 -40.16 -1.68 -3.63
C LYS D 353 -40.92 -2.87 -4.13
N GLY D 354 -42.18 -2.63 -4.50
CA GLY D 354 -42.99 -3.70 -5.03
C GLY D 354 -42.70 -3.74 -6.50
N TYR D 355 -42.52 -4.93 -7.06
CA TYR D 355 -42.20 -5.05 -8.47
C TYR D 355 -43.16 -5.94 -9.25
N ASP D 356 -43.66 -5.40 -10.36
CA ASP D 356 -44.58 -6.12 -11.24
C ASP D 356 -43.75 -6.61 -12.40
N ARG D 357 -43.65 -7.92 -12.54
CA ARG D 357 -42.83 -8.51 -13.61
C ARG D 357 -43.44 -8.45 -15.01
N LYS D 358 -44.71 -8.04 -15.11
CA LYS D 358 -45.37 -7.97 -16.41
C LYS D 358 -45.23 -6.59 -17.03
N THR D 359 -45.09 -5.57 -16.19
CA THR D 359 -44.95 -4.20 -16.70
C THR D 359 -43.50 -3.71 -16.54
N LYS D 360 -42.66 -4.51 -15.89
CA LYS D 360 -41.26 -4.16 -15.66
C LYS D 360 -41.16 -2.86 -14.85
N LYS D 361 -42.17 -2.60 -14.02
CA LYS D 361 -42.20 -1.39 -13.18
C LYS D 361 -42.24 -1.74 -11.68
N SER D 362 -41.71 -0.83 -10.88
CA SER D 362 -41.70 -1.02 -9.44
C SER D 362 -42.41 0.15 -8.79
N SER D 363 -42.82 -0.01 -7.55
CA SER D 363 -43.51 1.07 -6.85
C SER D 363 -43.31 1.02 -5.35
N SER D 364 -43.58 2.14 -4.69
CA SER D 364 -43.46 2.23 -3.24
C SER D 364 -44.47 1.35 -2.50
N LEU D 365 -44.09 0.88 -1.32
CA LEU D 365 -44.96 0.05 -0.53
C LEU D 365 -45.54 0.83 0.64
N LYS D 366 -45.56 2.16 0.52
CA LYS D 366 -46.12 2.98 1.59
C LYS D 366 -47.64 2.92 1.47
N GLY D 367 -48.10 2.14 0.51
CA GLY D 367 -49.53 1.95 0.27
C GLY D 367 -49.88 0.48 0.06
N ALA D 368 -49.62 -0.31 1.11
CA ALA D 368 -49.89 -1.75 1.12
C ALA D 368 -49.18 -2.63 0.06
N SER D 369 -49.44 -3.93 0.16
CA SER D 369 -48.83 -4.97 -0.68
C SER D 369 -49.43 -5.18 -2.10
N GLY D 370 -50.31 -4.27 -2.55
CA GLY D 370 -50.91 -4.45 -3.86
C GLY D 370 -50.03 -4.09 -5.05
N LYS D 371 -48.71 -4.12 -4.86
CA LYS D 371 -47.79 -3.74 -5.92
C LYS D 371 -47.10 -4.94 -6.59
N GLY D 372 -46.81 -5.99 -5.83
CA GLY D 372 -46.16 -7.14 -6.44
C GLY D 372 -45.06 -7.76 -5.59
N ASP D 373 -44.16 -8.48 -6.25
CA ASP D 373 -43.04 -9.13 -5.57
C ASP D 373 -42.12 -8.08 -4.94
N ASN D 374 -41.66 -8.35 -3.74
CA ASN D 374 -40.75 -7.43 -3.07
C ASN D 374 -39.30 -7.61 -3.57
N ILE D 375 -38.67 -6.49 -3.95
CA ILE D 375 -37.30 -6.53 -4.43
C ILE D 375 -36.51 -5.32 -3.91
N PHE D 376 -35.18 -5.44 -3.95
CA PHE D 376 -34.31 -4.34 -3.54
C PHE D 376 -34.00 -3.51 -4.77
N GLN D 377 -34.17 -2.19 -4.65
CA GLN D 377 -33.81 -1.29 -5.75
C GLN D 377 -32.96 -0.18 -5.14
N VAL D 378 -31.71 -0.52 -4.85
CA VAL D 378 -30.81 0.43 -4.21
C VAL D 378 -29.75 0.88 -5.20
N GLN D 379 -29.43 2.17 -5.16
CA GLN D 379 -28.44 2.76 -6.03
C GLN D 379 -27.29 3.36 -5.20
N PHE D 380 -26.12 2.73 -5.31
CA PHE D 380 -24.95 3.18 -4.59
C PHE D 380 -24.16 4.19 -5.42
N LEU D 381 -23.70 5.25 -4.75
CA LEU D 381 -22.87 6.25 -5.39
C LEU D 381 -21.48 6.00 -4.78
N VAL D 382 -20.56 5.49 -5.58
CA VAL D 382 -19.26 5.12 -5.06
C VAL D 382 -18.07 5.90 -5.64
N LYS D 383 -16.89 5.54 -5.14
CA LYS D 383 -15.63 6.17 -5.55
C LYS D 383 -14.50 5.25 -5.12
N ASP D 384 -13.32 5.39 -5.70
CA ASP D 384 -12.21 4.57 -5.30
C ASP D 384 -10.85 5.26 -5.47
N ALA D 385 -9.78 4.49 -5.25
CA ALA D 385 -8.44 5.05 -5.36
C ALA D 385 -8.13 5.63 -6.74
N SER D 386 -8.46 4.89 -7.79
CA SER D 386 -8.21 5.33 -9.15
C SER D 386 -8.94 6.62 -9.54
N THR D 387 -10.09 6.88 -8.92
CA THR D 387 -10.88 8.08 -9.23
C THR D 387 -10.95 9.00 -8.03
N GLN D 388 -10.14 8.69 -7.01
CA GLN D 388 -10.09 9.47 -5.77
C GLN D 388 -10.04 11.00 -5.94
N LEU D 389 -9.34 11.50 -6.94
CA LEU D 389 -9.20 12.95 -7.12
C LEU D 389 -10.19 13.65 -8.05
N ASN D 390 -10.81 12.93 -8.98
CA ASN D 390 -11.75 13.57 -9.89
C ASN D 390 -13.02 14.01 -9.17
N ASN D 391 -13.81 14.83 -9.85
CA ASN D 391 -15.03 15.38 -9.29
C ASN D 391 -16.22 14.48 -9.63
N ASN D 392 -15.99 13.18 -9.68
CA ASN D 392 -17.08 12.27 -9.97
C ASN D 392 -17.41 11.26 -8.84
N THR D 393 -18.59 10.66 -8.95
CA THR D 393 -19.08 9.64 -8.04
C THR D 393 -19.75 8.69 -9.01
N TYR D 394 -19.60 7.40 -8.81
CA TYR D 394 -20.16 6.45 -9.76
C TYR D 394 -21.32 5.62 -9.25
N ARG D 395 -22.24 5.29 -10.16
CA ARG D 395 -23.44 4.53 -9.82
C ARG D 395 -23.28 3.04 -9.92
N VAL D 396 -23.57 2.37 -8.81
CA VAL D 396 -23.50 0.92 -8.75
C VAL D 396 -24.86 0.50 -8.20
N LEU D 397 -25.55 -0.37 -8.93
CA LEU D 397 -26.88 -0.79 -8.56
C LEU D 397 -27.00 -2.15 -7.87
N LEU D 398 -28.03 -2.23 -7.02
CA LEU D 398 -28.38 -3.46 -6.36
C LEU D 398 -29.86 -3.65 -6.64
N TYR D 399 -30.19 -4.10 -7.85
CA TYR D 399 -31.57 -4.36 -8.27
C TYR D 399 -31.70 -5.87 -8.28
N THR D 400 -32.35 -6.41 -7.26
CA THR D 400 -32.50 -7.85 -7.08
C THR D 400 -33.76 -8.49 -7.70
N GLN D 401 -34.41 -7.87 -8.68
CA GLN D 401 -35.63 -8.43 -9.25
C GLN D 401 -35.38 -9.74 -9.97
N ASP D 402 -34.14 -9.99 -10.39
CA ASP D 402 -33.81 -11.22 -11.13
C ASP D 402 -32.96 -12.14 -10.30
N GLY D 403 -32.77 -11.78 -9.03
CA GLY D 403 -31.95 -12.63 -8.16
C GLY D 403 -30.55 -12.15 -7.85
N LEU D 404 -30.02 -11.26 -8.67
CA LEU D 404 -28.66 -10.78 -8.47
C LEU D 404 -28.54 -9.85 -7.27
N GLY D 405 -27.72 -10.23 -6.29
CA GLY D 405 -27.54 -9.41 -5.11
C GLY D 405 -28.66 -9.50 -4.11
N ALA D 406 -29.49 -10.55 -4.19
CA ALA D 406 -30.63 -10.71 -3.28
C ALA D 406 -30.21 -10.90 -1.81
N ASN D 407 -29.00 -11.42 -1.57
CA ASN D 407 -28.56 -11.63 -0.20
C ASN D 407 -27.49 -10.65 0.27
N PHE D 408 -27.34 -9.53 -0.45
CA PHE D 408 -26.33 -8.55 -0.10
C PHE D 408 -26.41 -8.10 1.35
N PHE D 409 -27.60 -7.77 1.82
CA PHE D 409 -27.77 -7.28 3.18
C PHE D 409 -28.03 -8.39 4.20
N ASN D 410 -27.99 -9.65 3.79
CA ASN D 410 -28.31 -10.73 4.70
C ASN D 410 -29.69 -10.49 5.28
N VAL D 411 -30.52 -9.76 4.54
CA VAL D 411 -31.88 -9.43 4.91
C VAL D 411 -32.77 -9.60 3.68
N LYS D 412 -33.62 -10.63 3.68
CA LYS D 412 -34.52 -10.87 2.56
C LYS D 412 -35.39 -9.63 2.36
N ALA D 413 -35.68 -9.32 1.11
CA ALA D 413 -36.49 -8.15 0.80
C ALA D 413 -37.85 -8.25 1.52
N ASP D 414 -38.30 -7.14 2.09
CA ASP D 414 -39.58 -7.11 2.78
C ASP D 414 -40.06 -5.66 2.85
N ASN D 415 -41.31 -5.47 3.25
CA ASN D 415 -41.87 -4.13 3.39
C ASN D 415 -41.25 -3.48 4.61
N LEU D 416 -40.33 -2.57 4.37
CA LEU D 416 -39.63 -1.88 5.46
C LEU D 416 -40.52 -0.88 6.20
N HIS D 417 -41.69 -0.61 5.64
CA HIS D 417 -42.65 0.31 6.25
C HIS D 417 -43.41 -0.42 7.35
N LYS D 418 -43.30 -1.75 7.36
CA LYS D 418 -44.01 -2.55 8.37
C LYS D 418 -43.08 -3.45 9.19
N ASN D 419 -42.04 -4.00 8.55
CA ASN D 419 -41.12 -4.88 9.25
C ASN D 419 -40.01 -4.07 9.90
N ALA D 420 -40.19 -3.73 11.17
CA ALA D 420 -39.19 -2.97 11.91
C ALA D 420 -37.84 -3.66 11.98
N ASP D 421 -37.84 -4.99 12.15
CA ASP D 421 -36.61 -5.75 12.23
C ASP D 421 -35.76 -5.57 10.99
N ALA D 422 -36.37 -5.71 9.82
CA ALA D 422 -35.64 -5.58 8.57
C ALA D 422 -35.14 -4.16 8.37
N ARG D 423 -35.99 -3.19 8.71
CA ARG D 423 -35.62 -1.78 8.55
C ARG D 423 -34.38 -1.41 9.35
N LYS D 424 -34.42 -1.69 10.65
CA LYS D 424 -33.28 -1.42 11.51
C LYS D 424 -31.95 -2.04 11.00
N LYS D 425 -31.98 -3.32 10.60
CA LYS D 425 -30.80 -3.99 10.13
C LYS D 425 -30.25 -3.26 8.89
N LEU D 426 -31.15 -2.79 8.02
CA LEU D 426 -30.73 -2.08 6.82
C LEU D 426 -30.27 -0.64 7.16
N GLU D 427 -30.91 -0.04 8.16
CA GLU D 427 -30.51 1.31 8.56
C GLU D 427 -29.09 1.26 9.14
N ASP D 428 -28.80 0.25 9.93
CA ASP D 428 -27.48 0.12 10.55
C ASP D 428 -26.44 -0.12 9.46
N SER D 429 -26.80 -0.92 8.47
CA SER D 429 -25.89 -1.22 7.38
C SER D 429 -25.61 0.03 6.58
N ALA D 430 -26.64 0.86 6.41
CA ALA D 430 -26.49 2.13 5.67
C ALA D 430 -25.44 3.04 6.33
N GLU D 431 -25.37 3.01 7.66
CA GLU D 431 -24.38 3.79 8.39
C GLU D 431 -22.98 3.24 8.23
N LEU D 432 -22.83 1.92 8.22
CA LEU D 432 -21.53 1.31 8.07
C LEU D 432 -20.96 1.58 6.69
N LEU D 433 -21.79 1.48 5.66
CA LEU D 433 -21.36 1.68 4.27
C LEU D 433 -20.90 3.10 3.96
N THR D 434 -21.60 4.10 4.52
CA THR D 434 -21.23 5.48 4.27
C THR D 434 -20.19 6.03 5.25
N LYS D 435 -19.72 5.19 6.16
CA LYS D 435 -18.76 5.62 7.17
C LYS D 435 -17.37 5.59 6.59
N PHE D 436 -16.53 6.56 6.95
CA PHE D 436 -15.16 6.60 6.45
C PHE D 436 -14.40 5.31 6.76
N ASN D 437 -13.57 4.90 5.81
CA ASN D 437 -12.76 3.70 5.92
C ASN D 437 -13.53 2.40 5.75
N SER D 438 -14.81 2.50 5.37
CA SER D 438 -15.60 1.31 5.06
C SER D 438 -15.53 1.10 3.53
N TYR D 439 -15.13 -0.08 3.09
CA TYR D 439 -15.06 -0.35 1.67
C TYR D 439 -15.89 -1.57 1.28
N VAL D 440 -16.12 -1.72 -0.02
CA VAL D 440 -16.87 -2.84 -0.56
C VAL D 440 -16.07 -3.59 -1.59
N ASP D 441 -16.03 -4.91 -1.45
CA ASP D 441 -15.34 -5.77 -2.41
C ASP D 441 -16.48 -6.55 -3.05
N ALA D 442 -16.74 -6.34 -4.32
CA ALA D 442 -17.85 -7.05 -4.96
C ALA D 442 -17.66 -7.41 -6.42
N VAL D 443 -18.54 -8.30 -6.88
CA VAL D 443 -18.56 -8.73 -8.27
C VAL D 443 -19.80 -8.07 -8.89
N VAL D 444 -19.64 -7.54 -10.11
CA VAL D 444 -20.74 -6.88 -10.78
C VAL D 444 -20.97 -7.43 -12.19
N GLU D 445 -22.16 -7.15 -12.73
CA GLU D 445 -22.49 -7.62 -14.07
C GLU D 445 -22.93 -6.42 -14.86
N ARG D 446 -22.35 -6.26 -16.05
CA ARG D 446 -22.67 -5.12 -16.90
C ARG D 446 -23.98 -5.39 -17.64
N ARG D 447 -24.97 -4.52 -17.42
CA ARG D 447 -26.26 -4.69 -18.08
C ARG D 447 -26.77 -3.32 -18.53
N ASN D 448 -26.97 -3.19 -19.83
CA ASN D 448 -27.44 -1.96 -20.46
C ASN D 448 -26.73 -0.70 -19.93
N GLY D 449 -25.40 -0.76 -19.91
CA GLY D 449 -24.61 0.37 -19.43
C GLY D 449 -24.50 0.55 -17.91
N PHE D 450 -25.10 -0.34 -17.14
CA PHE D 450 -25.02 -0.25 -15.69
C PHE D 450 -24.40 -1.50 -15.08
N TYR D 451 -23.90 -1.34 -13.85
CA TYR D 451 -23.30 -2.45 -13.12
C TYR D 451 -24.16 -2.86 -11.92
N LEU D 452 -24.62 -4.10 -11.92
CA LEU D 452 -25.40 -4.62 -10.82
C LEU D 452 -24.56 -5.56 -9.96
N ILE D 453 -24.65 -5.40 -8.64
CA ILE D 453 -23.94 -6.25 -7.71
C ILE D 453 -24.54 -7.65 -7.67
N LYS D 454 -23.66 -8.64 -7.64
CA LYS D 454 -24.09 -10.03 -7.56
C LYS D 454 -23.02 -10.87 -6.81
N ASP D 455 -23.44 -11.99 -6.23
CA ASP D 455 -22.55 -12.88 -5.51
C ASP D 455 -21.70 -12.14 -4.49
N THR D 456 -22.31 -11.16 -3.83
CA THR D 456 -21.61 -10.37 -2.83
C THR D 456 -22.49 -10.24 -1.59
N LYS D 457 -21.90 -10.37 -0.40
CA LYS D 457 -22.68 -10.30 0.84
C LYS D 457 -21.88 -9.59 1.93
N LEU D 458 -22.62 -8.85 2.76
CA LEU D 458 -22.02 -8.18 3.90
C LEU D 458 -21.59 -9.23 4.92
N ILE D 459 -20.51 -8.97 5.64
CA ILE D 459 -20.03 -9.90 6.65
C ILE D 459 -20.05 -9.21 8.03
N TYR D 460 -20.70 -8.06 8.10
CA TYR D 460 -20.86 -7.34 9.36
C TYR D 460 -22.32 -6.85 9.45
N GLN E 1 -0.68 8.29 23.74
CA GLN E 1 0.11 9.58 23.70
C GLN E 1 1.05 9.63 22.49
N GLN E 2 0.84 10.63 21.63
CA GLN E 2 1.65 10.81 20.44
C GLN E 2 3.05 11.30 20.79
N GLN E 3 4.06 10.65 20.20
CA GLN E 3 5.44 11.03 20.45
C GLN E 3 5.97 12.01 19.42
N SER E 4 5.49 11.88 18.18
CA SER E 4 5.91 12.77 17.09
C SER E 4 5.19 14.12 17.15
N ALA E 5 5.92 15.14 17.60
CA ALA E 5 5.33 16.46 17.73
C ALA E 5 4.72 16.91 16.40
N PHE E 6 5.46 16.69 15.31
CA PHE E 6 4.98 17.08 13.99
C PHE E 6 3.71 16.37 13.59
N LYS E 7 3.63 15.06 13.87
CA LYS E 7 2.44 14.31 13.53
C LYS E 7 1.20 14.80 14.31
N GLN E 8 1.37 15.03 15.61
CA GLN E 8 0.26 15.49 16.43
C GLN E 8 -0.20 16.89 16.00
N LEU E 9 0.74 17.76 15.69
CA LEU E 9 0.40 19.11 15.28
C LEU E 9 -0.33 19.11 13.95
N TYR E 10 0.23 18.41 12.97
CA TYR E 10 -0.36 18.36 11.63
C TYR E 10 -1.71 17.61 11.62
N THR E 11 -1.80 16.55 12.40
CA THR E 11 -3.03 15.79 12.45
C THR E 11 -4.16 16.63 13.05
N GLU E 12 -3.86 17.27 14.18
CA GLU E 12 -4.87 18.10 14.84
C GLU E 12 -5.30 19.24 13.93
N LEU E 13 -4.39 19.75 13.11
CA LEU E 13 -4.73 20.83 12.21
C LEU E 13 -5.75 20.30 11.17
N PHE E 14 -5.47 19.12 10.63
CA PHE E 14 -6.39 18.54 9.64
C PHE E 14 -7.72 18.13 10.26
N ASN E 15 -7.68 17.64 11.50
CA ASN E 15 -8.90 17.23 12.18
C ASN E 15 -9.68 18.43 12.70
N ASN E 16 -9.12 19.62 12.52
CA ASN E 16 -9.79 20.83 12.95
C ASN E 16 -9.96 21.80 11.80
N GLU E 17 -10.30 21.24 10.63
CA GLU E 17 -10.53 22.02 9.40
C GLU E 17 -9.56 23.19 9.18
N GLY E 18 -8.27 22.91 9.23
CA GLY E 18 -7.27 23.93 9.02
C GLY E 18 -7.33 25.12 9.96
N ASP E 19 -8.25 25.10 10.91
CA ASP E 19 -8.38 26.18 11.87
C ASP E 19 -7.28 26.06 12.92
N PHE E 20 -6.16 26.72 12.66
CA PHE E 20 -5.04 26.67 13.58
C PHE E 20 -5.32 27.18 14.99
N SER E 21 -6.32 28.04 15.12
CA SER E 21 -6.66 28.59 16.43
C SER E 21 -7.27 27.51 17.31
N LYS E 22 -8.09 26.65 16.73
CA LYS E 22 -8.73 25.57 17.48
C LYS E 22 -7.76 24.46 17.89
N VAL E 23 -6.55 24.49 17.35
CA VAL E 23 -5.58 23.47 17.71
C VAL E 23 -5.05 23.74 19.12
N SER E 24 -4.71 22.68 19.84
CA SER E 24 -4.22 22.78 21.21
C SER E 24 -3.18 23.88 21.37
N SER E 25 -3.29 24.64 22.45
CA SER E 25 -2.36 25.74 22.72
C SER E 25 -1.06 25.21 23.33
N ASN E 26 -1.17 24.16 24.14
CA ASN E 26 -0.01 23.57 24.80
C ASN E 26 0.95 22.93 23.80
N LEU E 27 0.68 23.14 22.51
CA LEU E 27 1.53 22.59 21.46
C LEU E 27 2.21 23.72 20.66
N LYS E 28 1.73 24.94 20.87
CA LYS E 28 2.27 26.08 20.15
C LYS E 28 3.53 26.63 20.82
N LYS E 29 4.32 25.74 21.40
CA LYS E 29 5.57 26.12 22.06
C LYS E 29 6.73 25.98 21.08
N PRO E 30 7.91 26.53 21.42
CA PRO E 30 9.08 26.45 20.54
C PRO E 30 9.34 25.03 20.03
N LEU E 31 9.98 24.93 18.87
CA LEU E 31 10.28 23.64 18.26
C LEU E 31 11.75 23.44 17.94
N LYS E 32 12.40 22.56 18.69
CA LYS E 32 13.81 22.27 18.46
C LYS E 32 13.87 21.09 17.50
N CYS E 33 14.46 21.30 16.31
CA CYS E 33 14.51 20.23 15.33
C CYS E 33 15.86 20.10 14.61
N TYR E 34 16.22 18.87 14.27
CA TYR E 34 17.45 18.56 13.57
C TYR E 34 17.23 18.78 12.08
N VAL E 35 18.18 19.41 11.43
CA VAL E 35 18.08 19.64 10.00
C VAL E 35 18.64 18.45 9.20
N LYS E 36 17.76 17.81 8.43
CA LYS E 36 18.16 16.65 7.65
C LYS E 36 18.79 17.09 6.35
N GLU E 37 18.20 18.11 5.73
CA GLU E 37 18.70 18.64 4.48
C GLU E 37 18.47 20.14 4.42
N SER E 38 19.21 20.85 3.58
CA SER E 38 19.08 22.30 3.47
C SER E 38 18.96 22.75 2.02
N TYR E 39 19.32 21.87 1.09
CA TYR E 39 19.24 22.18 -0.34
C TYR E 39 19.43 20.90 -1.13
N PRO E 40 18.69 20.73 -2.26
CA PRO E 40 17.70 21.67 -2.83
C PRO E 40 16.42 21.78 -1.99
N HIS E 41 16.27 20.90 -1.00
CA HIS E 41 15.09 20.91 -0.15
C HIS E 41 15.46 21.00 1.32
N PHE E 42 14.92 22.02 2.00
CA PHE E 42 15.21 22.18 3.41
C PHE E 42 14.23 21.31 4.19
N LEU E 43 14.74 20.32 4.91
CA LEU E 43 13.87 19.42 5.68
C LEU E 43 14.36 19.24 7.12
N VAL E 44 13.45 19.37 8.05
CA VAL E 44 13.78 19.22 9.46
C VAL E 44 13.03 18.02 10.04
N THR E 45 13.47 17.54 11.21
CA THR E 45 12.82 16.41 11.85
C THR E 45 12.50 16.68 13.31
N ASP E 46 11.66 15.83 13.89
CA ASP E 46 11.32 15.94 15.29
C ASP E 46 11.71 14.64 15.99
N GLY E 47 12.54 13.84 15.31
CA GLY E 47 12.98 12.58 15.85
C GLY E 47 12.23 11.41 15.27
N TYR E 48 11.18 11.69 14.49
CA TYR E 48 10.36 10.63 13.89
C TYR E 48 10.02 10.89 12.43
N PHE E 49 9.53 12.08 12.14
CA PHE E 49 9.15 12.44 10.77
C PHE E 49 9.87 13.70 10.33
N PHE E 50 9.99 13.86 9.03
CA PHE E 50 10.60 15.07 8.49
C PHE E 50 9.55 15.90 7.76
N VAL E 51 9.66 17.22 7.87
CA VAL E 51 8.74 18.13 7.20
C VAL E 51 9.53 19.30 6.62
N ALA E 52 8.89 20.06 5.73
CA ALA E 52 9.54 21.19 5.10
C ALA E 52 9.00 22.50 5.63
N PRO E 53 9.83 23.27 6.35
CA PRO E 53 9.42 24.55 6.92
C PRO E 53 9.40 25.63 5.83
N TYR E 54 8.46 26.57 5.95
CA TYR E 54 8.34 27.66 4.99
C TYR E 54 8.63 28.99 5.66
N PHE E 55 9.76 29.61 5.27
CA PHE E 55 10.18 30.87 5.84
C PHE E 55 9.62 32.09 5.12
N THR E 56 9.11 33.03 5.90
CA THR E 56 8.57 34.27 5.35
C THR E 56 9.76 35.17 5.05
N LYS E 57 9.59 36.15 4.16
CA LYS E 57 10.68 37.05 3.82
C LYS E 57 11.23 37.75 5.09
N GLU E 58 10.39 37.90 6.10
CA GLU E 58 10.79 38.54 7.35
C GLU E 58 11.68 37.59 8.13
N ALA E 59 11.25 36.33 8.23
CA ALA E 59 12.00 35.31 8.95
C ALA E 59 13.48 35.23 8.55
N VAL E 60 13.74 35.18 7.25
CA VAL E 60 15.11 35.09 6.75
C VAL E 60 15.90 36.37 7.01
N ASN E 61 15.25 37.52 6.86
CA ASN E 61 15.93 38.79 7.09
C ASN E 61 16.32 38.92 8.55
N GLU E 62 15.52 38.33 9.44
CA GLU E 62 15.79 38.37 10.86
C GLU E 62 16.98 37.47 11.16
N PHE E 63 16.88 36.22 10.70
CA PHE E 63 17.93 35.22 10.88
C PHE E 63 19.28 35.79 10.44
N HIS E 64 19.34 36.23 9.18
CA HIS E 64 20.56 36.82 8.62
C HIS E 64 21.17 37.90 9.52
N ALA E 65 20.31 38.74 10.09
CA ALA E 65 20.75 39.82 10.96
C ALA E 65 21.36 39.27 12.24
N LYS E 66 20.53 38.65 13.08
CA LYS E 66 21.01 38.11 14.34
C LYS E 66 22.19 37.15 14.16
N PHE E 67 22.30 36.55 12.98
CA PHE E 67 23.39 35.61 12.71
C PHE E 67 23.99 35.83 11.32
N PRO E 68 24.88 36.83 11.20
CA PRO E 68 25.54 37.15 9.92
C PRO E 68 26.53 36.08 9.48
N ASN E 69 27.23 35.51 10.44
CA ASN E 69 28.21 34.48 10.15
C ASN E 69 27.58 33.13 9.84
N VAL E 70 26.26 33.10 9.62
CA VAL E 70 25.58 31.84 9.35
C VAL E 70 24.78 31.85 8.06
N ASN E 71 24.86 30.74 7.32
CA ASN E 71 24.11 30.58 6.08
C ASN E 71 23.06 29.48 6.27
N ILE E 72 21.81 29.80 6.00
CA ILE E 72 20.72 28.85 6.17
C ILE E 72 20.85 27.60 5.30
N VAL E 73 21.21 27.80 4.03
CA VAL E 73 21.37 26.70 3.10
C VAL E 73 22.53 25.76 3.46
N ASP E 74 23.16 26.03 4.60
CA ASP E 74 24.28 25.20 5.05
C ASP E 74 24.02 24.66 6.45
N LEU E 75 22.77 24.70 6.88
CA LEU E 75 22.41 24.22 8.21
C LEU E 75 22.24 22.70 8.27
N THR E 76 22.61 22.00 7.20
CA THR E 76 22.49 20.55 7.15
C THR E 76 23.18 19.92 8.35
N ASP E 77 22.56 18.91 8.94
CA ASP E 77 23.09 18.20 10.09
C ASP E 77 23.19 19.07 11.33
N LYS E 78 22.65 20.27 11.23
CA LYS E 78 22.65 21.22 12.34
C LYS E 78 21.25 21.29 12.91
N VAL E 79 21.13 21.71 14.16
CA VAL E 79 19.82 21.84 14.79
C VAL E 79 19.38 23.30 14.97
N ILE E 80 18.12 23.58 14.63
CA ILE E 80 17.57 24.92 14.76
C ILE E 80 16.43 24.94 15.76
N VAL E 81 16.05 26.14 16.16
CA VAL E 81 14.98 26.30 17.13
C VAL E 81 13.99 27.35 16.65
N ILE E 82 12.79 26.91 16.29
CA ILE E 82 11.76 27.82 15.79
C ILE E 82 10.93 28.32 16.96
N ASN E 83 11.06 29.61 17.26
CA ASN E 83 10.35 30.23 18.39
C ASN E 83 8.99 30.78 18.01
N ASN E 84 8.87 31.24 16.78
CA ASN E 84 7.60 31.80 16.32
C ASN E 84 7.17 31.11 15.03
N TRP E 85 6.08 30.35 15.11
CA TRP E 85 5.57 29.62 13.94
C TRP E 85 4.06 29.46 13.97
N SER E 86 3.51 29.00 12.85
CA SER E 86 2.08 28.76 12.72
C SER E 86 1.83 27.66 11.67
N LEU E 87 0.61 27.14 11.62
CA LEU E 87 0.26 26.10 10.66
C LEU E 87 -0.90 26.55 9.80
N GLU E 88 -0.82 26.28 8.50
CA GLU E 88 -1.92 26.62 7.60
C GLU E 88 -2.06 25.61 6.46
N LEU E 89 -3.29 25.35 6.06
CA LEU E 89 -3.59 24.41 4.98
C LEU E 89 -3.62 25.07 3.62
N ARG E 90 -2.92 24.49 2.68
CA ARG E 90 -2.85 25.06 1.33
C ARG E 90 -3.10 24.00 0.27
N ARG E 91 -3.78 24.39 -0.80
CA ARG E 91 -4.07 23.49 -1.89
C ARG E 91 -2.86 23.45 -2.78
N VAL E 92 -2.37 22.26 -3.08
CA VAL E 92 -1.17 22.11 -3.90
C VAL E 92 -1.31 20.97 -4.89
N ASN E 93 -0.31 20.83 -5.75
CA ASN E 93 -0.27 19.76 -6.74
C ASN E 93 0.71 18.70 -6.23
N SER E 94 0.18 17.73 -5.51
CA SER E 94 1.00 16.67 -4.93
C SER E 94 1.90 15.96 -5.94
N ALA E 95 1.65 16.20 -7.22
CA ALA E 95 2.47 15.57 -8.24
C ALA E 95 3.82 16.29 -8.36
N GLU E 96 3.91 17.48 -7.77
CA GLU E 96 5.13 18.26 -7.79
C GLU E 96 5.74 18.37 -6.40
N VAL E 97 4.91 18.69 -5.41
CA VAL E 97 5.38 18.83 -4.03
C VAL E 97 5.28 17.47 -3.32
N PHE E 98 6.42 16.86 -3.02
CA PHE E 98 6.41 15.56 -2.37
C PHE E 98 6.09 15.62 -0.87
N THR E 99 6.11 16.82 -0.30
CA THR E 99 5.79 16.98 1.10
C THR E 99 4.29 17.28 1.22
N SER E 100 3.50 16.58 0.42
CA SER E 100 2.05 16.78 0.44
C SER E 100 1.36 15.46 0.11
N TYR E 101 0.03 15.46 0.11
CA TYR E 101 -0.74 14.25 -0.21
C TYR E 101 -2.17 14.60 -0.63
N ALA E 102 -2.65 13.92 -1.66
CA ALA E 102 -4.01 14.17 -2.16
C ALA E 102 -4.23 15.67 -2.48
N ASN E 103 -3.23 16.26 -3.11
CA ASN E 103 -3.27 17.68 -3.48
C ASN E 103 -3.51 18.63 -2.32
N LEU E 104 -3.17 18.21 -1.12
CA LEU E 104 -3.31 19.04 0.06
C LEU E 104 -2.00 19.04 0.83
N GLU E 105 -1.77 20.08 1.62
CA GLU E 105 -0.55 20.19 2.41
C GLU E 105 -0.72 21.07 3.64
N ALA E 106 -0.17 20.59 4.75
CA ALA E 106 -0.18 21.35 6.00
C ALA E 106 1.21 22.00 6.05
N ARG E 107 1.26 23.33 6.00
CA ARG E 107 2.52 24.08 6.03
C ARG E 107 2.92 24.64 7.39
N LEU E 108 4.21 24.54 7.70
CA LEU E 108 4.78 25.05 8.94
C LEU E 108 5.37 26.39 8.60
N ILE E 109 4.65 27.45 8.91
CA ILE E 109 5.11 28.81 8.63
C ILE E 109 6.11 29.26 9.69
N VAL E 110 7.37 29.44 9.27
CA VAL E 110 8.42 29.86 10.19
C VAL E 110 8.63 31.39 10.16
N HIS E 111 8.34 32.03 11.28
CA HIS E 111 8.50 33.49 11.42
C HIS E 111 9.86 33.85 12.01
N SER E 112 10.31 33.09 13.01
CA SER E 112 11.59 33.34 13.65
C SER E 112 12.24 32.05 14.14
N PHE E 113 13.42 31.74 13.59
CA PHE E 113 14.14 30.54 13.99
C PHE E 113 15.63 30.81 14.26
N LYS E 114 16.08 30.40 15.43
CA LYS E 114 17.48 30.57 15.85
C LYS E 114 18.28 29.30 15.66
N PRO E 115 19.48 29.40 15.09
CA PRO E 115 20.34 28.23 14.87
C PRO E 115 21.24 27.90 16.05
N ASN E 116 20.89 26.86 16.80
CA ASN E 116 21.69 26.43 17.93
C ASN E 116 22.90 25.67 17.39
N LEU E 117 23.79 26.41 16.72
CA LEU E 117 25.01 25.85 16.14
C LEU E 117 25.74 24.80 16.98
N GLN E 118 26.20 23.77 16.29
CA GLN E 118 26.92 22.67 16.91
C GLN E 118 26.31 22.04 18.17
N GLU E 119 25.04 21.65 18.10
CA GLU E 119 24.39 21.00 19.23
C GLU E 119 24.08 19.58 18.79
N ARG E 120 24.72 18.61 19.42
CA ARG E 120 24.49 17.23 19.05
C ARG E 120 23.18 16.72 19.63
N LEU E 121 22.31 16.22 18.76
CA LEU E 121 21.01 15.72 19.15
C LEU E 121 21.00 14.20 19.31
N ASN E 122 20.24 13.74 20.30
CA ASN E 122 20.12 12.31 20.61
C ASN E 122 19.84 11.47 19.37
N PRO E 123 20.47 10.28 19.28
CA PRO E 123 20.28 9.36 18.15
C PRO E 123 18.85 8.81 18.12
N THR E 124 18.17 8.96 16.99
CA THR E 124 16.80 8.47 16.84
C THR E 124 16.63 7.56 15.63
N ARG E 125 15.37 7.35 15.24
CA ARG E 125 15.07 6.52 14.08
C ARG E 125 15.28 7.36 12.82
N TYR E 126 15.43 6.70 11.68
CA TYR E 126 15.64 7.42 10.43
C TYR E 126 14.33 8.19 10.14
N PRO E 127 14.46 9.51 9.90
CA PRO E 127 13.29 10.36 9.61
C PRO E 127 12.58 9.97 8.32
N VAL E 128 11.25 9.92 8.41
CA VAL E 128 10.44 9.60 7.22
C VAL E 128 9.45 10.71 6.89
N ASN E 129 9.11 10.83 5.60
CA ASN E 129 8.17 11.83 5.15
C ASN E 129 6.83 11.68 5.86
N LEU E 130 6.41 12.71 6.58
CA LEU E 130 5.15 12.62 7.32
C LEU E 130 3.99 12.36 6.37
N PHE E 131 4.06 12.98 5.18
CA PHE E 131 3.01 12.79 4.19
C PHE E 131 3.02 11.42 3.48
N ARG E 132 3.80 10.48 4.03
CA ARG E 132 3.88 9.14 3.47
C ARG E 132 3.51 8.16 4.55
N ASP E 133 3.26 8.68 5.75
CA ASP E 133 2.87 7.86 6.91
C ASP E 133 1.47 7.31 6.72
N ASP E 134 1.25 6.07 7.14
CA ASP E 134 -0.05 5.42 6.98
C ASP E 134 -1.18 6.19 7.66
N GLU E 135 -1.07 6.32 8.97
CA GLU E 135 -2.07 7.06 9.72
C GLU E 135 -2.32 8.48 9.24
N PHE E 136 -1.28 9.20 8.85
CA PHE E 136 -1.47 10.57 8.40
C PHE E 136 -2.16 10.60 7.03
N LYS E 137 -1.80 9.67 6.15
CA LYS E 137 -2.47 9.59 4.83
C LYS E 137 -3.96 9.31 5.08
N THR E 138 -4.23 8.50 6.10
CA THR E 138 -5.59 8.10 6.41
C THR E 138 -6.33 9.28 6.98
N THR E 139 -5.65 10.05 7.83
CA THR E 139 -6.26 11.23 8.42
C THR E 139 -6.64 12.19 7.32
N ILE E 140 -5.78 12.32 6.31
CA ILE E 140 -6.08 13.24 5.22
C ILE E 140 -7.24 12.70 4.38
N GLN E 141 -7.27 11.39 4.20
CA GLN E 141 -8.34 10.78 3.43
C GLN E 141 -9.68 10.97 4.14
N HIS E 142 -9.64 11.00 5.46
CA HIS E 142 -10.85 11.21 6.26
C HIS E 142 -11.35 12.63 5.97
N PHE E 143 -10.41 13.57 5.91
CA PHE E 143 -10.71 14.97 5.65
C PHE E 143 -11.45 15.10 4.31
N ARG E 144 -10.86 14.56 3.24
CA ARG E 144 -11.45 14.65 1.91
C ARG E 144 -12.78 13.93 1.87
N HIS E 145 -12.85 12.77 2.52
CA HIS E 145 -14.08 11.98 2.54
C HIS E 145 -15.20 12.77 3.16
N THR E 146 -14.90 13.47 4.25
CA THR E 146 -15.90 14.29 4.92
C THR E 146 -16.39 15.42 4.00
N ALA E 147 -15.45 16.06 3.29
CA ALA E 147 -15.80 17.15 2.39
C ALA E 147 -16.57 16.63 1.18
N LEU E 148 -16.19 15.44 0.72
CA LEU E 148 -16.83 14.84 -0.44
C LEU E 148 -18.27 14.41 -0.12
N GLN E 149 -18.46 13.83 1.06
CA GLN E 149 -19.77 13.32 1.45
C GLN E 149 -20.72 14.49 1.62
N ALA E 150 -20.23 15.60 2.17
CA ALA E 150 -21.07 16.79 2.36
C ALA E 150 -21.44 17.43 1.03
N ALA E 151 -20.47 17.54 0.13
CA ALA E 151 -20.71 18.10 -1.18
C ALA E 151 -21.68 17.24 -2.00
N ILE E 152 -21.48 15.92 -1.97
CA ILE E 152 -22.36 15.01 -2.72
C ILE E 152 -23.79 15.03 -2.19
N ASN E 153 -23.94 14.97 -0.87
CA ASN E 153 -25.27 14.96 -0.29
C ASN E 153 -26.02 16.24 -0.56
N LYS E 154 -25.28 17.27 -0.95
CA LYS E 154 -25.88 18.56 -1.27
C LYS E 154 -26.14 18.69 -2.77
N THR E 155 -25.23 18.13 -3.57
CA THR E 155 -25.33 18.18 -5.02
C THR E 155 -26.33 17.17 -5.57
N VAL E 156 -26.20 15.91 -5.15
CA VAL E 156 -27.08 14.84 -5.62
C VAL E 156 -28.39 14.82 -4.84
N LYS E 157 -29.49 14.99 -5.55
CA LYS E 157 -30.80 15.02 -4.93
C LYS E 157 -31.89 14.48 -5.85
N GLY E 158 -33.09 14.25 -5.30
CA GLY E 158 -34.20 13.75 -6.09
C GLY E 158 -34.27 12.27 -6.35
N ASP E 159 -33.38 11.48 -5.72
CA ASP E 159 -33.36 10.04 -5.91
C ASP E 159 -33.53 9.63 -7.36
N ASN E 160 -32.70 10.16 -8.24
CA ASN E 160 -32.80 9.83 -9.65
C ASN E 160 -32.27 8.42 -9.88
N LEU E 161 -33.07 7.45 -9.45
CA LEU E 161 -32.71 6.04 -9.60
C LEU E 161 -32.89 5.55 -11.03
N VAL E 162 -31.98 4.71 -11.48
CA VAL E 162 -32.10 4.15 -12.82
C VAL E 162 -33.40 3.35 -12.86
N ASP E 163 -34.25 3.60 -13.85
CA ASP E 163 -35.50 2.87 -13.97
C ASP E 163 -35.22 1.38 -14.05
N ILE E 164 -35.95 0.61 -13.25
CA ILE E 164 -35.75 -0.83 -13.19
C ILE E 164 -35.90 -1.56 -14.55
N SER E 165 -36.70 -1.00 -15.45
CA SER E 165 -36.90 -1.63 -16.76
C SER E 165 -35.64 -1.57 -17.63
N LYS E 166 -34.74 -0.63 -17.32
CA LYS E 166 -33.49 -0.50 -18.06
C LYS E 166 -32.51 -1.64 -17.77
N VAL E 167 -32.61 -2.26 -16.59
CA VAL E 167 -31.72 -3.36 -16.24
C VAL E 167 -32.40 -4.70 -16.43
N ALA E 168 -33.66 -4.80 -16.00
CA ALA E 168 -34.43 -6.04 -16.16
C ALA E 168 -35.11 -5.96 -17.51
N ASP E 169 -35.17 -7.08 -18.23
CA ASP E 169 -35.77 -7.07 -19.55
C ASP E 169 -35.00 -6.12 -20.48
N ALA E 170 -33.75 -6.47 -20.72
CA ALA E 170 -32.90 -5.64 -21.57
C ALA E 170 -31.97 -6.49 -22.42
N ALA E 171 -32.53 -7.54 -23.02
CA ALA E 171 -31.78 -8.43 -23.88
C ALA E 171 -31.39 -7.71 -25.19
N GLY E 172 -32.30 -6.86 -25.69
CA GLY E 172 -32.05 -6.14 -26.91
C GLY E 172 -31.62 -4.71 -26.62
N LYS E 173 -31.35 -4.44 -25.35
CA LYS E 173 -30.89 -3.12 -24.94
C LYS E 173 -29.38 -3.03 -24.74
N LYS E 174 -28.80 -1.93 -25.19
CA LYS E 174 -27.37 -1.70 -25.06
C LYS E 174 -27.16 -0.32 -24.44
N GLY E 175 -26.16 -0.18 -23.57
CA GLY E 175 -25.91 1.11 -22.95
C GLY E 175 -24.44 1.39 -22.75
N LYS E 176 -24.13 2.65 -22.48
CA LYS E 176 -22.76 3.10 -22.23
C LYS E 176 -22.54 3.31 -20.74
N VAL E 177 -21.45 2.76 -20.20
CA VAL E 177 -21.15 2.83 -18.78
C VAL E 177 -21.02 4.24 -18.25
N ASP E 178 -20.74 5.21 -19.12
CA ASP E 178 -20.57 6.58 -18.63
C ASP E 178 -21.91 7.16 -18.20
N ALA E 179 -22.94 6.32 -18.29
CA ALA E 179 -24.28 6.74 -17.88
C ALA E 179 -24.37 6.72 -16.35
N GLY E 180 -23.42 6.00 -15.74
CA GLY E 180 -23.40 5.90 -14.29
C GLY E 180 -22.56 6.97 -13.62
N ILE E 181 -21.94 7.82 -14.42
CA ILE E 181 -21.09 8.86 -13.89
C ILE E 181 -21.89 10.03 -13.39
N VAL E 182 -21.68 10.40 -12.13
CA VAL E 182 -22.43 11.52 -11.53
C VAL E 182 -21.48 12.54 -10.89
N LYS E 183 -21.66 13.81 -11.24
CA LYS E 183 -20.80 14.87 -10.70
C LYS E 183 -21.00 14.95 -9.19
N ALA E 184 -19.91 14.85 -8.43
CA ALA E 184 -19.96 14.88 -6.97
C ALA E 184 -20.23 16.26 -6.42
N SER E 185 -19.90 17.29 -7.18
CA SER E 185 -20.13 18.65 -6.70
C SER E 185 -20.22 19.65 -7.86
N ALA E 186 -20.42 20.91 -7.51
CA ALA E 186 -20.54 21.98 -8.49
C ALA E 186 -19.14 22.46 -8.89
N SER E 187 -18.14 21.61 -8.69
CA SER E 187 -16.77 21.95 -9.06
C SER E 187 -16.64 22.36 -10.52
N LYS E 188 -15.64 23.18 -10.79
CA LYS E 188 -15.40 23.69 -12.13
C LYS E 188 -14.71 22.70 -13.05
N GLY E 189 -13.45 22.42 -12.76
CA GLY E 189 -12.68 21.49 -13.58
C GLY E 189 -13.06 20.03 -13.48
N ASP E 190 -12.07 19.15 -13.65
CA ASP E 190 -12.29 17.74 -13.57
C ASP E 190 -11.82 17.19 -12.21
N GLU E 191 -11.33 18.05 -11.34
CA GLU E 191 -10.85 17.66 -10.03
C GLU E 191 -11.76 18.19 -8.92
N PHE E 192 -12.08 17.34 -7.95
CA PHE E 192 -12.94 17.75 -6.85
C PHE E 192 -12.22 18.82 -6.05
N SER E 193 -12.91 19.91 -5.74
CA SER E 193 -12.31 20.99 -4.98
C SER E 193 -13.30 21.75 -4.09
N ASP E 194 -14.45 21.16 -3.86
CA ASP E 194 -15.46 21.80 -3.02
C ASP E 194 -15.17 21.61 -1.53
N PHE E 195 -14.12 22.25 -1.03
CA PHE E 195 -13.77 22.16 0.38
C PHE E 195 -14.34 23.36 1.15
N SER E 196 -14.35 23.28 2.48
CA SER E 196 -14.93 24.35 3.26
C SER E 196 -13.87 25.12 4.05
N PHE E 197 -12.76 24.46 4.39
CA PHE E 197 -11.69 25.11 5.15
C PHE E 197 -11.22 26.30 4.33
N LYS E 198 -10.70 27.33 4.98
CA LYS E 198 -10.22 28.48 4.22
C LYS E 198 -8.70 28.33 4.01
N GLU E 199 -8.29 28.26 2.75
CA GLU E 199 -6.90 28.08 2.41
C GLU E 199 -6.07 29.22 2.96
N GLY E 200 -5.06 28.86 3.75
CA GLY E 200 -4.17 29.88 4.31
C GLY E 200 -3.43 30.61 3.20
N ASN E 201 -3.03 31.84 3.48
CA ASN E 201 -2.30 32.62 2.48
C ASN E 201 -1.25 33.50 3.16
N THR E 202 0.01 33.14 2.97
CA THR E 202 1.11 33.89 3.56
C THR E 202 2.31 33.84 2.64
N ALA E 203 2.68 34.98 2.09
CA ALA E 203 3.83 35.07 1.19
C ALA E 203 5.02 34.38 1.83
N THR E 204 5.53 33.36 1.13
CA THR E 204 6.69 32.63 1.62
C THR E 204 7.80 32.65 0.58
N LEU E 205 8.99 32.25 0.98
CA LEU E 205 10.14 32.23 0.08
C LEU E 205 10.57 30.84 -0.37
N LYS E 206 10.96 30.72 -1.63
CA LYS E 206 11.41 29.44 -2.17
C LYS E 206 12.83 29.26 -1.62
N ILE E 207 13.24 28.03 -1.39
CA ILE E 207 14.55 27.74 -0.85
C ILE E 207 15.65 28.06 -1.86
N ALA E 208 15.26 28.34 -3.10
CA ALA E 208 16.23 28.64 -4.15
C ALA E 208 16.66 30.12 -4.10
N ASP E 209 15.70 31.00 -3.85
CA ASP E 209 15.97 32.43 -3.78
C ASP E 209 16.91 32.77 -2.64
N ILE E 210 16.83 31.99 -1.56
CA ILE E 210 17.70 32.21 -0.41
C ILE E 210 19.11 31.72 -0.70
N PHE E 211 19.21 30.75 -1.59
CA PHE E 211 20.49 30.20 -1.99
C PHE E 211 21.29 31.29 -2.72
N VAL E 212 20.63 31.95 -3.67
CA VAL E 212 21.24 33.02 -4.45
C VAL E 212 21.50 34.22 -3.55
N GLN E 213 20.67 34.40 -2.54
CA GLN E 213 20.79 35.49 -1.60
C GLN E 213 22.00 35.30 -0.67
N GLU E 214 22.55 34.09 -0.67
CA GLU E 214 23.70 33.79 0.21
C GLU E 214 24.91 33.32 -0.59
N LYS E 215 24.71 33.09 -1.88
CA LYS E 215 25.81 32.65 -2.76
C LYS E 215 25.39 32.64 -4.23
N GLY E 216 24.81 33.77 -4.66
CA GLY E 216 24.36 33.95 -6.03
C GLY E 216 25.19 33.25 -7.10
#